data_1Q2T
# 
_entry.id   1Q2T 
# 
_audit_conform.dict_name       mmcif_pdbx.dic 
_audit_conform.dict_version    5.392 
_audit_conform.dict_location   http://mmcif.pdb.org/dictionaries/ascii/mmcif_pdbx.dic 
# 
loop_
_database_2.database_id 
_database_2.database_code 
_database_2.pdbx_database_accession 
_database_2.pdbx_DOI 
PDB   1Q2T         pdb_00001q2t 10.2210/pdb1q2t/pdb 
RCSB  RCSB019844   ?            ?                   
WWPDB D_1000019844 ?            ?                   
# 
loop_
_pdbx_audit_revision_history.ordinal 
_pdbx_audit_revision_history.data_content_type 
_pdbx_audit_revision_history.major_revision 
_pdbx_audit_revision_history.minor_revision 
_pdbx_audit_revision_history.revision_date 
1 'Structure model' 1 0 2003-09-23 
2 'Structure model' 1 1 2008-04-29 
3 'Structure model' 1 2 2011-07-13 
4 'Structure model' 1 3 2022-03-02 
5 'Structure model' 1 4 2024-05-22 
# 
_pdbx_audit_revision_details.ordinal             1 
_pdbx_audit_revision_details.revision_ordinal    1 
_pdbx_audit_revision_details.data_content_type   'Structure model' 
_pdbx_audit_revision_details.provider            repository 
_pdbx_audit_revision_details.type                'Initial release' 
_pdbx_audit_revision_details.description         ? 
_pdbx_audit_revision_details.details             ? 
# 
loop_
_pdbx_audit_revision_group.ordinal 
_pdbx_audit_revision_group.revision_ordinal 
_pdbx_audit_revision_group.data_content_type 
_pdbx_audit_revision_group.group 
1 2 'Structure model' 'Version format compliance' 
2 3 'Structure model' 'Version format compliance' 
3 4 'Structure model' 'Database references'       
4 4 'Structure model' 'Derived calculations'      
5 5 'Structure model' 'Data collection'           
# 
loop_
_pdbx_audit_revision_category.ordinal 
_pdbx_audit_revision_category.revision_ordinal 
_pdbx_audit_revision_category.data_content_type 
_pdbx_audit_revision_category.category 
1 4 'Structure model' database_2            
2 4 'Structure model' pdbx_struct_assembly  
3 4 'Structure model' pdbx_struct_oper_list 
4 4 'Structure model' struct_conn           
5 5 'Structure model' chem_comp_atom        
6 5 'Structure model' chem_comp_bond        
# 
loop_
_pdbx_audit_revision_item.ordinal 
_pdbx_audit_revision_item.revision_ordinal 
_pdbx_audit_revision_item.data_content_type 
_pdbx_audit_revision_item.item 
1 4 'Structure model' '_database_2.pdbx_DOI'                
2 4 'Structure model' '_database_2.pdbx_database_accession' 
3 4 'Structure model' '_struct_conn.pdbx_leaving_atom_flag' 
# 
_pdbx_database_status.status_code                     REL 
_pdbx_database_status.entry_id                        1Q2T 
_pdbx_database_status.recvd_initial_deposition_date   2003-07-26 
_pdbx_database_status.deposit_site                    RCSB 
_pdbx_database_status.process_site                    RCSB 
_pdbx_database_status.status_code_mr                  REL 
_pdbx_database_status.SG_entry                        . 
_pdbx_database_status.status_code_sf                  ? 
_pdbx_database_status.pdb_format_compatible           Y 
_pdbx_database_status.status_code_cs                  ? 
_pdbx_database_status.status_code_nmr_data            ? 
_pdbx_database_status.methods_development_category    ? 
# 
_pdbx_database_related.db_name        PDB 
_pdbx_database_related.db_id          1RME 
_pdbx_database_related.details        'i-motif tetramer of 5mCCTCC' 
_pdbx_database_related.content_type   unspecified 
# 
_audit_author.name           'Leroy, J.-L.' 
_audit_author.pdbx_ordinal   1 
# 
loop_
_citation.id 
_citation.title 
_citation.journal_abbrev 
_citation.journal_volume 
_citation.page_first 
_citation.page_last 
_citation.year 
_citation.journal_id_ASTM 
_citation.country 
_citation.journal_id_ISSN 
_citation.journal_id_CSD 
_citation.book_publisher 
_citation.pdbx_database_id_PubMed 
_citation.pdbx_database_id_DOI 
primary 'T.T pair intercalation and duplex inter-conversion within i-motif tetramers'                                  J.Mol.Biol. 
333 125 139 2003 JMOBAK UK 0022-2836 0070 ? 14516748 '10.1016/S0022-2836(03)00945-8' 
1       'Structure and conversion kinetics of a bi-stable DNA i-motif: broken symmetry in the [d(5mCCTCC)]4 tetramer.' J.Mol.Biol. 
261 399 414 1996 JMOBAK UK 0022-2836 0070 ? ?        10.1006/jmbi.1996.0472          
# 
loop_
_citation_author.citation_id 
_citation_author.name 
_citation_author.ordinal 
_citation_author.identifier_ORCID 
primary 'Leroy, J.-L.' 1 ? 
1       'Nonin, S.'    2 ? 
1       'Leroy, J.-L.' 3 ? 
# 
_entity.id                         1 
_entity.type                       polymer 
_entity.src_method                 syn 
_entity.pdbx_description           "5'-D(*(MCY)P*CP*TP*CP*TP*CP*C)-3'" 
_entity.formula_weight             1943.384 
_entity.pdbx_number_of_molecules   4 
_entity.pdbx_ec                    ? 
_entity.pdbx_mutation              ? 
_entity.pdbx_fragment              ? 
_entity.details                    ? 
# 
_entity_poly.entity_id                      1 
_entity_poly.type                           polydeoxyribonucleotide 
_entity_poly.nstd_linkage                   no 
_entity_poly.nstd_monomer                   yes 
_entity_poly.pdbx_seq_one_letter_code       '(MCY)(DC)(DT)(DC)(DT)(DC)(DC)' 
_entity_poly.pdbx_seq_one_letter_code_can   CCTCTCC 
_entity_poly.pdbx_strand_id                 A,B,C,D 
_entity_poly.pdbx_target_identifier         ? 
# 
loop_
_entity_poly_seq.entity_id 
_entity_poly_seq.num 
_entity_poly_seq.mon_id 
_entity_poly_seq.hetero 
1 1 MCY n 
1 2 DC  n 
1 3 DT  n 
1 4 DC  n 
1 5 DT  n 
1 6 DC  n 
1 7 DC  n 
# 
loop_
_chem_comp.id 
_chem_comp.type 
_chem_comp.mon_nstd_flag 
_chem_comp.name 
_chem_comp.pdbx_synonyms 
_chem_comp.formula 
_chem_comp.formula_weight 
DC  'DNA linking' y "2'-DEOXYCYTIDINE-5'-MONOPHOSPHATE" ? 'C9 H14 N3 O7 P'  307.197 
DT  'DNA linking' y "THYMIDINE-5'-MONOPHOSPHATE"        ? 'C10 H15 N2 O8 P' 322.208 
MCY 'DNA linking' n "5-METHYL-2'-DEOXYCYTIDINE"         ? 'C10 H15 N3 O4'   241.244 
# 
loop_
_pdbx_poly_seq_scheme.asym_id 
_pdbx_poly_seq_scheme.entity_id 
_pdbx_poly_seq_scheme.seq_id 
_pdbx_poly_seq_scheme.mon_id 
_pdbx_poly_seq_scheme.ndb_seq_num 
_pdbx_poly_seq_scheme.pdb_seq_num 
_pdbx_poly_seq_scheme.auth_seq_num 
_pdbx_poly_seq_scheme.pdb_mon_id 
_pdbx_poly_seq_scheme.auth_mon_id 
_pdbx_poly_seq_scheme.pdb_strand_id 
_pdbx_poly_seq_scheme.pdb_ins_code 
_pdbx_poly_seq_scheme.hetero 
A 1 1 MCY 1 1 1 MCY MCY A . n 
A 1 2 DC  2 2 2 DC  C   A . n 
A 1 3 DT  3 3 3 DT  T   A . n 
A 1 4 DC  4 4 4 DC  C   A . n 
A 1 5 DT  5 5 5 DT  T   A . n 
A 1 6 DC  6 6 6 DC  C   A . n 
A 1 7 DC  7 7 7 DC  C   A . n 
B 1 1 MCY 1 1 1 MCY MCY B . n 
B 1 2 DC  2 2 2 DC  C   B . n 
B 1 3 DT  3 3 3 DT  T   B . n 
B 1 4 DC  4 4 4 DC  C   B . n 
B 1 5 DT  5 5 5 DT  T   B . n 
B 1 6 DC  6 6 6 DC  C   B . n 
B 1 7 DC  7 7 7 DC  C   B . n 
C 1 1 MCY 1 1 1 MCY MCY C . n 
C 1 2 DC  2 2 2 DC  C   C . n 
C 1 3 DT  3 3 3 DT  T   C . n 
C 1 4 DC  4 4 4 DC  C   C . n 
C 1 5 DT  5 5 5 DT  T   C . n 
C 1 6 DC  6 6 6 DC  C   C . n 
C 1 7 DC  7 7 7 DC  C   C . n 
D 1 1 MCY 1 1 1 MCY MCY D . n 
D 1 2 DC  2 2 2 DC  C   D . n 
D 1 3 DT  3 3 3 DT  T   D . n 
D 1 4 DC  4 4 4 DC  C   D . n 
D 1 5 DT  5 5 5 DT  T   D . n 
D 1 6 DC  6 6 6 DC  C   D . n 
D 1 7 DC  7 7 7 DC  C   D . n 
# 
_exptl.entry_id          1Q2T 
_exptl.method            'SOLUTION NMR' 
_exptl.crystals_number   ? 
# 
_struct.entry_id                  1Q2T 
_struct.title                     'Solution structure of d(5mCCTCTCC)4' 
_struct.pdbx_model_details        ? 
_struct.pdbx_CASP_flag            ? 
_struct.pdbx_model_type_details   ? 
# 
_struct_keywords.entry_id        1Q2T 
_struct_keywords.pdbx_keywords   DNA 
_struct_keywords.text            'DNA solution structure; i-motif; protonated cytidine; hemiprotonated base-pairs, DNA' 
# 
loop_
_struct_asym.id 
_struct_asym.pdbx_blank_PDB_chainid_flag 
_struct_asym.pdbx_modified 
_struct_asym.entity_id 
_struct_asym.details 
A N N 1 ? 
B N N 1 ? 
C N N 1 ? 
D N N 1 ? 
# 
_struct_ref.id                         1 
_struct_ref.db_name                    PDB 
_struct_ref.db_code                    1Q2T 
_struct_ref.pdbx_db_accession          1Q2T 
_struct_ref.entity_id                  1 
_struct_ref.pdbx_db_isoform            ? 
_struct_ref.pdbx_seq_one_letter_code   ? 
_struct_ref.pdbx_align_begin           ? 
# 
loop_
_struct_ref_seq.align_id 
_struct_ref_seq.ref_id 
_struct_ref_seq.pdbx_PDB_id_code 
_struct_ref_seq.pdbx_strand_id 
_struct_ref_seq.seq_align_beg 
_struct_ref_seq.pdbx_seq_align_beg_ins_code 
_struct_ref_seq.seq_align_end 
_struct_ref_seq.pdbx_seq_align_end_ins_code 
_struct_ref_seq.pdbx_db_accession 
_struct_ref_seq.db_align_beg 
_struct_ref_seq.pdbx_db_align_beg_ins_code 
_struct_ref_seq.db_align_end 
_struct_ref_seq.pdbx_db_align_end_ins_code 
_struct_ref_seq.pdbx_auth_seq_align_beg 
_struct_ref_seq.pdbx_auth_seq_align_end 
1 1 1Q2T A 1 ? 7 ? 1Q2T 1 ? 7 ? 1 7 
2 1 1Q2T B 1 ? 7 ? 1Q2T 1 ? 7 ? 1 7 
3 1 1Q2T C 1 ? 7 ? 1Q2T 1 ? 7 ? 1 7 
4 1 1Q2T D 1 ? 7 ? 1Q2T 1 ? 7 ? 1 7 
# 
_pdbx_struct_assembly.id                   1 
_pdbx_struct_assembly.details              author_defined_assembly 
_pdbx_struct_assembly.method_details       ? 
_pdbx_struct_assembly.oligomeric_details   tetrameric 
_pdbx_struct_assembly.oligomeric_count     4 
# 
_pdbx_struct_assembly_gen.assembly_id       1 
_pdbx_struct_assembly_gen.oper_expression   1 
_pdbx_struct_assembly_gen.asym_id_list      A,B,C,D 
# 
_pdbx_struct_oper_list.id                   1 
_pdbx_struct_oper_list.type                 'identity operation' 
_pdbx_struct_oper_list.name                 1_555 
_pdbx_struct_oper_list.symmetry_operation   x,y,z 
_pdbx_struct_oper_list.matrix[1][1]         1.0000000000 
_pdbx_struct_oper_list.matrix[1][2]         0.0000000000 
_pdbx_struct_oper_list.matrix[1][3]         0.0000000000 
_pdbx_struct_oper_list.vector[1]            0.0000000000 
_pdbx_struct_oper_list.matrix[2][1]         0.0000000000 
_pdbx_struct_oper_list.matrix[2][2]         1.0000000000 
_pdbx_struct_oper_list.matrix[2][3]         0.0000000000 
_pdbx_struct_oper_list.vector[2]            0.0000000000 
_pdbx_struct_oper_list.matrix[3][1]         0.0000000000 
_pdbx_struct_oper_list.matrix[3][2]         0.0000000000 
_pdbx_struct_oper_list.matrix[3][3]         1.0000000000 
_pdbx_struct_oper_list.vector[3]            0.0000000000 
# 
_struct_biol.id        1 
_struct_biol.details   ? 
# 
loop_
_struct_conn.id 
_struct_conn.conn_type_id 
_struct_conn.pdbx_leaving_atom_flag 
_struct_conn.pdbx_PDB_id 
_struct_conn.ptnr1_label_asym_id 
_struct_conn.ptnr1_label_comp_id 
_struct_conn.ptnr1_label_seq_id 
_struct_conn.ptnr1_label_atom_id 
_struct_conn.pdbx_ptnr1_label_alt_id 
_struct_conn.pdbx_ptnr1_PDB_ins_code 
_struct_conn.pdbx_ptnr1_standard_comp_id 
_struct_conn.ptnr1_symmetry 
_struct_conn.ptnr2_label_asym_id 
_struct_conn.ptnr2_label_comp_id 
_struct_conn.ptnr2_label_seq_id 
_struct_conn.ptnr2_label_atom_id 
_struct_conn.pdbx_ptnr2_label_alt_id 
_struct_conn.pdbx_ptnr2_PDB_ins_code 
_struct_conn.ptnr1_auth_asym_id 
_struct_conn.ptnr1_auth_comp_id 
_struct_conn.ptnr1_auth_seq_id 
_struct_conn.ptnr2_auth_asym_id 
_struct_conn.ptnr2_auth_comp_id 
_struct_conn.ptnr2_auth_seq_id 
_struct_conn.ptnr2_symmetry 
_struct_conn.pdbx_ptnr3_label_atom_id 
_struct_conn.pdbx_ptnr3_label_seq_id 
_struct_conn.pdbx_ptnr3_label_comp_id 
_struct_conn.pdbx_ptnr3_label_asym_id 
_struct_conn.pdbx_ptnr3_label_alt_id 
_struct_conn.pdbx_ptnr3_PDB_ins_code 
_struct_conn.details 
_struct_conn.pdbx_dist_value 
_struct_conn.pdbx_value_order 
_struct_conn.pdbx_role 
covale1  covale both ? A MCY 1 "O3'" ? ? ? 1_555 A DC  2 P  ? ? A MCY 1 A DC  2 1_555 ? ? ? ? ? ? ?               1.613 ? ? 
covale2  covale both ? B MCY 1 "O3'" ? ? ? 1_555 B DC  2 P  ? ? B MCY 1 B DC  2 1_555 ? ? ? ? ? ? ?               1.613 ? ? 
covale3  covale both ? C MCY 1 "O3'" ? ? ? 1_555 C DC  2 P  ? ? C MCY 1 C DC  2 1_555 ? ? ? ? ? ? ?               1.614 ? ? 
covale4  covale both ? D MCY 1 "O3'" ? ? ? 1_555 D DC  2 P  ? ? D MCY 1 D DC  2 1_555 ? ? ? ? ? ? ?               1.613 ? ? 
hydrog1  hydrog ?    ? A MCY 1 N3    ? ? ? 1_555 C MCY 1 N4 ? ? A MCY 1 C MCY 1 1_555 ? ? ? ? ? ? TYPE_14_PAIR    ?     ? ? 
hydrog2  hydrog ?    ? A MCY 1 N4    ? ? ? 1_555 C MCY 1 N3 ? ? A MCY 1 C MCY 1 1_555 ? ? ? ? ? ? TYPE_14_PAIR    ?     ? ? 
hydrog3  hydrog ?    ? A DC  2 N3    ? ? ? 1_555 C DC  2 N4 ? ? A DC  2 C DC  2 1_555 ? ? ? ? ? ? TYPE_14_PAIR    ?     ? ? 
hydrog4  hydrog ?    ? A DC  2 N4    ? ? ? 1_555 C DC  2 N3 ? ? A DC  2 C DC  2 1_555 ? ? ? ? ? ? TYPE_14_PAIR    ?     ? ? 
hydrog5  hydrog ?    ? A DT  3 N3    ? ? ? 1_555 C DT  3 O4 ? ? A DT  3 C DT  3 1_555 ? ? ? ? ? ? TYPE_12_PAIR    ?     ? ? 
hydrog6  hydrog ?    ? A DT  3 O4    ? ? ? 1_555 C DT  3 N3 ? ? A DT  3 C DT  3 1_555 ? ? ? ? ? ? TYPE_12_PAIR    ?     ? ? 
hydrog7  hydrog ?    ? A DC  4 N3    ? ? ? 1_555 B DC  4 N4 ? ? A DC  4 B DC  4 1_555 ? ? ? ? ? ? TYPE_14_PAIR    ?     ? ? 
hydrog8  hydrog ?    ? A DC  4 N4    ? ? ? 1_555 B DC  4 N3 ? ? A DC  4 B DC  4 1_555 ? ? ? ? ? ? TYPE_14_PAIR    ?     ? ? 
hydrog9  hydrog ?    ? A DC  4 N3    ? ? ? 1_555 C DC  4 N4 ? ? A DC  4 C DC  4 1_555 ? ? ? ? ? ? TYPE_14_PAIR    ?     ? ? 
hydrog10 hydrog ?    ? A DC  4 N4    ? ? ? 1_555 C DC  4 N3 ? ? A DC  4 C DC  4 1_555 ? ? ? ? ? ? TYPE_14_PAIR    ?     ? ? 
hydrog11 hydrog ?    ? A DT  5 N3    ? ? ? 1_555 C DT  5 O4 ? ? A DT  5 C DT  5 1_555 ? ? ? ? ? ? TYPE_12_PAIR    ?     ? ? 
hydrog12 hydrog ?    ? A DT  5 O4    ? ? ? 1_555 C DT  5 N3 ? ? A DT  5 C DT  5 1_555 ? ? ? ? ? ? TYPE_12_PAIR    ?     ? ? 
hydrog13 hydrog ?    ? A DC  6 N4    ? ? ? 1_555 C DC  6 O2 ? ? A DC  6 C DC  6 1_555 ? ? ? ? ? ? TYPE_15_PAIR    ?     ? ? 
hydrog14 hydrog ?    ? A DC  6 O2    ? ? ? 1_555 C DC  6 N4 ? ? A DC  6 C DC  6 1_555 ? ? ? ? ? ? TYPE_15_PAIR    ?     ? ? 
hydrog15 hydrog ?    ? A DC  7 N4    ? ? ? 1_555 C DC  7 O2 ? ? A DC  7 C DC  7 1_555 ? ? ? ? ? ? TYPE_15_PAIR    ?     ? ? 
hydrog16 hydrog ?    ? A DC  7 O2    ? ? ? 1_555 C DC  7 N4 ? ? A DC  7 C DC  7 1_555 ? ? ? ? ? ? TYPE_15_PAIR    ?     ? ? 
hydrog17 hydrog ?    ? B MCY 1 N3    ? ? ? 1_555 D MCY 1 N4 ? ? B MCY 1 D MCY 1 1_555 ? ? ? ? ? ? TYPE_14_PAIR    ?     ? ? 
hydrog18 hydrog ?    ? B MCY 1 N4    ? ? ? 1_555 D MCY 1 N3 ? ? B MCY 1 D MCY 1 1_555 ? ? ? ? ? ? TYPE_14_PAIR    ?     ? ? 
hydrog19 hydrog ?    ? B DC  2 N3    ? ? ? 1_555 D DC  2 N4 ? ? B DC  2 D DC  2 1_555 ? ? ? ? ? ? TYPE_14_PAIR    ?     ? ? 
hydrog20 hydrog ?    ? B DC  2 N4    ? ? ? 1_555 D DC  2 N3 ? ? B DC  2 D DC  2 1_555 ? ? ? ? ? ? TYPE_14_PAIR    ?     ? ? 
hydrog21 hydrog ?    ? B DT  3 O2    ? ? ? 1_555 B DC  4 N4 ? ? B DT  3 B DC  4 1_555 ? ? ? ? ? ? 'DT-DC MISPAIR' ?     ? ? 
hydrog22 hydrog ?    ? B DC  4 N3    ? ? ? 1_555 D DC  4 N4 ? ? B DC  4 D DC  4 1_555 ? ? ? ? ? ? TYPE_14_PAIR    ?     ? ? 
hydrog23 hydrog ?    ? B DC  4 N4    ? ? ? 1_555 D DC  4 N3 ? ? B DC  4 D DC  4 1_555 ? ? ? ? ? ? TYPE_14_PAIR    ?     ? ? 
hydrog24 hydrog ?    ? B DC  6 N3    ? ? ? 1_555 D DC  6 N4 ? ? B DC  6 D DC  6 1_555 ? ? ? ? ? ? TYPE_14_PAIR    ?     ? ? 
hydrog25 hydrog ?    ? B DC  6 N4    ? ? ? 1_555 D DC  6 N3 ? ? B DC  6 D DC  6 1_555 ? ? ? ? ? ? TYPE_14_PAIR    ?     ? ? 
hydrog26 hydrog ?    ? B DC  7 N4    ? ? ? 1_555 D DC  7 O2 ? ? B DC  7 D DC  7 1_555 ? ? ? ? ? ? TYPE_15_PAIR    ?     ? ? 
hydrog27 hydrog ?    ? B DC  7 O2    ? ? ? 1_555 D DC  7 N4 ? ? B DC  7 D DC  7 1_555 ? ? ? ? ? ? TYPE_15_PAIR    ?     ? ? 
hydrog28 hydrog ?    ? C DC  4 N3    ? ? ? 1_555 D DC  4 N4 ? ? C DC  4 D DC  4 1_555 ? ? ? ? ? ? 'DC-DC MISPAIR' ?     ? ? 
# 
loop_
_struct_conn_type.id 
_struct_conn_type.criteria 
_struct_conn_type.reference 
covale ? ? 
hydrog ? ? 
# 
loop_
_pdbx_validate_rmsd_angle.id 
_pdbx_validate_rmsd_angle.PDB_model_num 
_pdbx_validate_rmsd_angle.auth_atom_id_1 
_pdbx_validate_rmsd_angle.auth_asym_id_1 
_pdbx_validate_rmsd_angle.auth_comp_id_1 
_pdbx_validate_rmsd_angle.auth_seq_id_1 
_pdbx_validate_rmsd_angle.PDB_ins_code_1 
_pdbx_validate_rmsd_angle.label_alt_id_1 
_pdbx_validate_rmsd_angle.auth_atom_id_2 
_pdbx_validate_rmsd_angle.auth_asym_id_2 
_pdbx_validate_rmsd_angle.auth_comp_id_2 
_pdbx_validate_rmsd_angle.auth_seq_id_2 
_pdbx_validate_rmsd_angle.PDB_ins_code_2 
_pdbx_validate_rmsd_angle.label_alt_id_2 
_pdbx_validate_rmsd_angle.auth_atom_id_3 
_pdbx_validate_rmsd_angle.auth_asym_id_3 
_pdbx_validate_rmsd_angle.auth_comp_id_3 
_pdbx_validate_rmsd_angle.auth_seq_id_3 
_pdbx_validate_rmsd_angle.PDB_ins_code_3 
_pdbx_validate_rmsd_angle.label_alt_id_3 
_pdbx_validate_rmsd_angle.angle_value 
_pdbx_validate_rmsd_angle.angle_target_value 
_pdbx_validate_rmsd_angle.angle_deviation 
_pdbx_validate_rmsd_angle.angle_standard_deviation 
_pdbx_validate_rmsd_angle.linker_flag 
1  1 "O4'" A DC 2 ? ? "C1'" A DC 2 ? ? N1 A DC 2 ? ? 110.67 108.30 2.37 0.30 N 
2  1 C2    A DC 2 ? ? N3    A DC 2 ? ? C4 A DC 2 ? ? 123.22 119.90 3.32 0.50 N 
3  1 "O4'" A DT 3 ? ? "C1'" A DT 3 ? ? N1 A DT 3 ? ? 110.94 108.30 2.64 0.30 N 
4  1 "O4'" A DC 4 ? ? "C1'" A DC 4 ? ? N1 A DC 4 ? ? 110.33 108.30 2.03 0.30 N 
5  1 C2    A DC 4 ? ? N3    A DC 4 ? ? C4 A DC 4 ? ? 123.44 119.90 3.54 0.50 N 
6  1 N1    A DC 4 ? ? C2    A DC 4 ? ? O2 A DC 4 ? ? 122.91 118.90 4.01 0.60 N 
7  1 "O4'" A DT 5 ? ? "C1'" A DT 5 ? ? N1 A DT 5 ? ? 110.25 108.30 1.95 0.30 N 
8  1 "O4'" A DC 6 ? ? "C1'" A DC 6 ? ? N1 A DC 6 ? ? 110.79 108.30 2.49 0.30 N 
9  1 C2    A DC 6 ? ? N3    A DC 6 ? ? C4 A DC 6 ? ? 123.13 119.90 3.23 0.50 N 
10 1 "O4'" A DC 7 ? ? "C1'" A DC 7 ? ? N1 A DC 7 ? ? 111.38 108.30 3.08 0.30 N 
11 1 C2    A DC 7 ? ? N3    A DC 7 ? ? C4 A DC 7 ? ? 123.14 119.90 3.24 0.50 N 
12 1 "O4'" B DC 2 ? ? "C1'" B DC 2 ? ? N1 B DC 2 ? ? 110.54 108.30 2.24 0.30 N 
13 1 C2    B DC 2 ? ? N3    B DC 2 ? ? C4 B DC 2 ? ? 123.22 119.90 3.32 0.50 N 
14 1 N1    B DC 2 ? ? C2    B DC 2 ? ? O2 B DC 2 ? ? 122.83 118.90 3.93 0.60 N 
15 1 "O4'" B DT 3 ? ? "C1'" B DT 3 ? ? N1 B DT 3 ? ? 110.79 108.30 2.49 0.30 N 
16 1 "O4'" B DC 4 ? ? "C1'" B DC 4 ? ? N1 B DC 4 ? ? 110.62 108.30 2.32 0.30 N 
17 1 N1    B DC 4 ? ? C2    B DC 4 ? ? O2 B DC 4 ? ? 122.67 118.90 3.77 0.60 N 
18 1 "O4'" B DT 5 ? ? "C1'" B DT 5 ? ? N1 B DT 5 ? ? 111.08 108.30 2.78 0.30 N 
19 1 "O4'" B DC 6 ? ? "C1'" B DC 6 ? ? N1 B DC 6 ? ? 110.99 108.30 2.69 0.30 N 
20 1 C2    B DC 6 ? ? N3    B DC 6 ? ? C4 B DC 6 ? ? 123.03 119.90 3.13 0.50 N 
21 1 "O4'" B DC 7 ? ? "C1'" B DC 7 ? ? N1 B DC 7 ? ? 110.93 108.30 2.63 0.30 N 
22 1 C2    B DC 7 ? ? N3    B DC 7 ? ? C4 B DC 7 ? ? 123.05 119.90 3.15 0.50 N 
23 1 "O4'" C DC 2 ? ? "C1'" C DC 2 ? ? N1 C DC 2 ? ? 110.72 108.30 2.42 0.30 N 
24 1 "O4'" C DT 3 ? ? "C1'" C DT 3 ? ? N1 C DT 3 ? ? 110.98 108.30 2.68 0.30 N 
25 1 "O4'" C DC 4 ? ? "C1'" C DC 4 ? ? N1 C DC 4 ? ? 110.31 108.30 2.01 0.30 N 
26 1 "O4'" C DT 5 ? ? "C1'" C DT 5 ? ? N1 C DT 5 ? ? 110.30 108.30 2.00 0.30 N 
27 1 "O4'" C DC 6 ? ? "C1'" C DC 6 ? ? N1 C DC 6 ? ? 110.80 108.30 2.50 0.30 N 
28 1 "O4'" C DC 7 ? ? "C1'" C DC 7 ? ? N1 C DC 7 ? ? 111.24 108.30 2.94 0.30 N 
29 1 "O4'" D DC 2 ? ? "C1'" D DC 2 ? ? N1 D DC 2 ? ? 110.43 108.30 2.13 0.30 N 
30 1 "O4'" D DT 3 ? ? "C1'" D DT 3 ? ? N1 D DT 3 ? ? 110.65 108.30 2.35 0.30 N 
31 1 "O4'" D DC 4 ? ? "C1'" D DC 4 ? ? N1 D DC 4 ? ? 110.36 108.30 2.06 0.30 N 
32 1 "O4'" D DT 5 ? ? "C1'" D DT 5 ? ? N1 D DT 5 ? ? 110.88 108.30 2.58 0.30 N 
33 1 "O4'" D DC 6 ? ? "C1'" D DC 6 ? ? N1 D DC 6 ? ? 111.64 108.30 3.34 0.30 N 
34 1 "O4'" D DC 7 ? ? "C1'" D DC 7 ? ? N1 D DC 7 ? ? 110.98 108.30 2.68 0.30 N 
# 
loop_
_pdbx_validate_planes.id 
_pdbx_validate_planes.PDB_model_num 
_pdbx_validate_planes.auth_comp_id 
_pdbx_validate_planes.auth_asym_id 
_pdbx_validate_planes.auth_seq_id 
_pdbx_validate_planes.PDB_ins_code 
_pdbx_validate_planes.label_alt_id 
_pdbx_validate_planes.rmsd 
_pdbx_validate_planes.type 
1 1 DC B 2 ? ? 0.071 'SIDE CHAIN' 
2 1 DC D 2 ? ? 0.063 'SIDE CHAIN' 
# 
loop_
_pdbx_struct_mod_residue.id 
_pdbx_struct_mod_residue.label_asym_id 
_pdbx_struct_mod_residue.label_comp_id 
_pdbx_struct_mod_residue.label_seq_id 
_pdbx_struct_mod_residue.auth_asym_id 
_pdbx_struct_mod_residue.auth_comp_id 
_pdbx_struct_mod_residue.auth_seq_id 
_pdbx_struct_mod_residue.PDB_ins_code 
_pdbx_struct_mod_residue.parent_comp_id 
_pdbx_struct_mod_residue.details 
1 A MCY 1 A MCY 1 ? DC "5-METHYL-2'-DEOXYCYTIDINE" 
2 B MCY 1 B MCY 1 ? DC "5-METHYL-2'-DEOXYCYTIDINE" 
3 C MCY 1 C MCY 1 ? DC "5-METHYL-2'-DEOXYCYTIDINE" 
4 D MCY 1 D MCY 1 ? DC "5-METHYL-2'-DEOXYCYTIDINE" 
# 
_pdbx_nmr_ensemble.entry_id                                      1Q2T 
_pdbx_nmr_ensemble.conformers_calculated_total_number            10 
_pdbx_nmr_ensemble.conformers_submitted_total_number             1 
_pdbx_nmr_ensemble.conformer_selection_criteria                  'back calculated data agree with experimental NOESY spectrum' 
_pdbx_nmr_ensemble.average_constraints_per_residue               ? 
_pdbx_nmr_ensemble.average_constraint_violations_per_residue     ? 
_pdbx_nmr_ensemble.maximum_distance_constraint_violation         ? 
_pdbx_nmr_ensemble.average_distance_constraint_violation         ? 
_pdbx_nmr_ensemble.maximum_upper_distance_constraint_violation   ? 
_pdbx_nmr_ensemble.maximum_lower_distance_constraint_violation   ? 
_pdbx_nmr_ensemble.distance_constraint_violation_method          ? 
_pdbx_nmr_ensemble.maximum_torsion_angle_constraint_violation    ? 
_pdbx_nmr_ensemble.average_torsion_angle_constraint_violation    ? 
_pdbx_nmr_ensemble.torsion_angle_constraint_violation_method     ? 
# 
_pdbx_nmr_sample_details.solution_id      1 
_pdbx_nmr_sample_details.contents         '10mM  DNA strand' 
_pdbx_nmr_sample_details.solvent_system   'H2O 90%, D2O 10%' 
# 
_pdbx_nmr_exptl_sample_conditions.conditions_id       1 
_pdbx_nmr_exptl_sample_conditions.temperature         273 
_pdbx_nmr_exptl_sample_conditions.pressure            ambient 
_pdbx_nmr_exptl_sample_conditions.pH                  4.4 
_pdbx_nmr_exptl_sample_conditions.ionic_strength      'No added counter-ions' 
_pdbx_nmr_exptl_sample_conditions.pressure_units      ? 
_pdbx_nmr_exptl_sample_conditions.temperature_units   K 
# 
loop_
_pdbx_nmr_exptl.experiment_id 
_pdbx_nmr_exptl.solution_id 
_pdbx_nmr_exptl.conditions_id 
_pdbx_nmr_exptl.type 
1 1 1 '2D NOESY' 
2 1 1 '2D TOCSY' 
# 
_pdbx_nmr_refine.entry_id           1Q2T 
_pdbx_nmr_refine.method             'simulated annealing' 
_pdbx_nmr_refine.details            
;the structure is based on a total of 172 restraints. 30 base-pairing restraints 
from hydrogen bonds, 78 NOE-distance restraints and 36 repulsive restraints 
reflecting the absence of NOE
;
_pdbx_nmr_refine.software_ordinal   1 
# 
loop_
_pdbx_nmr_software.name 
_pdbx_nmr_software.version 
_pdbx_nmr_software.classification 
_pdbx_nmr_software.authors 
_pdbx_nmr_software.ordinal 
X-PLOR 3.851 'structure solution' Brunger 1 
X-PLOR 3.851 refinement           Brunger 2 
# 
loop_
_chem_comp_atom.comp_id 
_chem_comp_atom.atom_id 
_chem_comp_atom.type_symbol 
_chem_comp_atom.pdbx_aromatic_flag 
_chem_comp_atom.pdbx_stereo_config 
_chem_comp_atom.pdbx_ordinal 
DC  OP3    O N N 1   
DC  P      P N N 2   
DC  OP1    O N N 3   
DC  OP2    O N N 4   
DC  "O5'"  O N N 5   
DC  "C5'"  C N N 6   
DC  "C4'"  C N R 7   
DC  "O4'"  O N N 8   
DC  "C3'"  C N S 9   
DC  "O3'"  O N N 10  
DC  "C2'"  C N N 11  
DC  "C1'"  C N R 12  
DC  N1     N N N 13  
DC  C2     C N N 14  
DC  O2     O N N 15  
DC  N3     N N N 16  
DC  C4     C N N 17  
DC  N4     N N N 18  
DC  C5     C N N 19  
DC  C6     C N N 20  
DC  HOP3   H N N 21  
DC  HOP2   H N N 22  
DC  "H5'"  H N N 23  
DC  "H5''" H N N 24  
DC  "H4'"  H N N 25  
DC  "H3'"  H N N 26  
DC  "HO3'" H N N 27  
DC  "H2'"  H N N 28  
DC  "H2''" H N N 29  
DC  "H1'"  H N N 30  
DC  H41    H N N 31  
DC  H42    H N N 32  
DC  H5     H N N 33  
DC  H6     H N N 34  
DT  OP3    O N N 35  
DT  P      P N N 36  
DT  OP1    O N N 37  
DT  OP2    O N N 38  
DT  "O5'"  O N N 39  
DT  "C5'"  C N N 40  
DT  "C4'"  C N R 41  
DT  "O4'"  O N N 42  
DT  "C3'"  C N S 43  
DT  "O3'"  O N N 44  
DT  "C2'"  C N N 45  
DT  "C1'"  C N R 46  
DT  N1     N N N 47  
DT  C2     C N N 48  
DT  O2     O N N 49  
DT  N3     N N N 50  
DT  C4     C N N 51  
DT  O4     O N N 52  
DT  C5     C N N 53  
DT  C7     C N N 54  
DT  C6     C N N 55  
DT  HOP3   H N N 56  
DT  HOP2   H N N 57  
DT  "H5'"  H N N 58  
DT  "H5''" H N N 59  
DT  "H4'"  H N N 60  
DT  "H3'"  H N N 61  
DT  "HO3'" H N N 62  
DT  "H2'"  H N N 63  
DT  "H2''" H N N 64  
DT  "H1'"  H N N 65  
DT  H3     H N N 66  
DT  H71    H N N 67  
DT  H72    H N N 68  
DT  H73    H N N 69  
DT  H6     H N N 70  
MCY N1     N N N 71  
MCY C2     C N N 72  
MCY N3     N N N 73  
MCY C4     C N N 74  
MCY C5     C N N 75  
MCY C6     C N N 76  
MCY O2     O N N 77  
MCY N4     N N N 78  
MCY "C1'"  C N R 79  
MCY "C2'"  C N N 80  
MCY "C3'"  C N S 81  
MCY "C4'"  C N R 82  
MCY "O4'"  O N N 83  
MCY "O3'"  O N N 84  
MCY "C5'"  C N N 85  
MCY "O5'"  O N N 86  
MCY C5A    C N N 87  
MCY H6     H N N 88  
MCY HN41   H N N 89  
MCY HN42   H N N 90  
MCY "H1'"  H N N 91  
MCY "H2'"  H N N 92  
MCY "H2''" H N N 93  
MCY "H3'"  H N N 94  
MCY "H4'"  H N N 95  
MCY "HO3'" H N N 96  
MCY "H5'"  H N N 97  
MCY "H5''" H N N 98  
MCY "HO5'" H N N 99  
MCY H5A1   H N N 100 
MCY H5A2   H N N 101 
MCY H5A3   H N N 102 
# 
loop_
_chem_comp_bond.comp_id 
_chem_comp_bond.atom_id_1 
_chem_comp_bond.atom_id_2 
_chem_comp_bond.value_order 
_chem_comp_bond.pdbx_aromatic_flag 
_chem_comp_bond.pdbx_stereo_config 
_chem_comp_bond.pdbx_ordinal 
DC  OP3   P      sing N N 1   
DC  OP3   HOP3   sing N N 2   
DC  P     OP1    doub N N 3   
DC  P     OP2    sing N N 4   
DC  P     "O5'"  sing N N 5   
DC  OP2   HOP2   sing N N 6   
DC  "O5'" "C5'"  sing N N 7   
DC  "C5'" "C4'"  sing N N 8   
DC  "C5'" "H5'"  sing N N 9   
DC  "C5'" "H5''" sing N N 10  
DC  "C4'" "O4'"  sing N N 11  
DC  "C4'" "C3'"  sing N N 12  
DC  "C4'" "H4'"  sing N N 13  
DC  "O4'" "C1'"  sing N N 14  
DC  "C3'" "O3'"  sing N N 15  
DC  "C3'" "C2'"  sing N N 16  
DC  "C3'" "H3'"  sing N N 17  
DC  "O3'" "HO3'" sing N N 18  
DC  "C2'" "C1'"  sing N N 19  
DC  "C2'" "H2'"  sing N N 20  
DC  "C2'" "H2''" sing N N 21  
DC  "C1'" N1     sing N N 22  
DC  "C1'" "H1'"  sing N N 23  
DC  N1    C2     sing N N 24  
DC  N1    C6     sing N N 25  
DC  C2    O2     doub N N 26  
DC  C2    N3     sing N N 27  
DC  N3    C4     doub N N 28  
DC  C4    N4     sing N N 29  
DC  C4    C5     sing N N 30  
DC  N4    H41    sing N N 31  
DC  N4    H42    sing N N 32  
DC  C5    C6     doub N N 33  
DC  C5    H5     sing N N 34  
DC  C6    H6     sing N N 35  
DT  OP3   P      sing N N 36  
DT  OP3   HOP3   sing N N 37  
DT  P     OP1    doub N N 38  
DT  P     OP2    sing N N 39  
DT  P     "O5'"  sing N N 40  
DT  OP2   HOP2   sing N N 41  
DT  "O5'" "C5'"  sing N N 42  
DT  "C5'" "C4'"  sing N N 43  
DT  "C5'" "H5'"  sing N N 44  
DT  "C5'" "H5''" sing N N 45  
DT  "C4'" "O4'"  sing N N 46  
DT  "C4'" "C3'"  sing N N 47  
DT  "C4'" "H4'"  sing N N 48  
DT  "O4'" "C1'"  sing N N 49  
DT  "C3'" "O3'"  sing N N 50  
DT  "C3'" "C2'"  sing N N 51  
DT  "C3'" "H3'"  sing N N 52  
DT  "O3'" "HO3'" sing N N 53  
DT  "C2'" "C1'"  sing N N 54  
DT  "C2'" "H2'"  sing N N 55  
DT  "C2'" "H2''" sing N N 56  
DT  "C1'" N1     sing N N 57  
DT  "C1'" "H1'"  sing N N 58  
DT  N1    C2     sing N N 59  
DT  N1    C6     sing N N 60  
DT  C2    O2     doub N N 61  
DT  C2    N3     sing N N 62  
DT  N3    C4     sing N N 63  
DT  N3    H3     sing N N 64  
DT  C4    O4     doub N N 65  
DT  C4    C5     sing N N 66  
DT  C5    C7     sing N N 67  
DT  C5    C6     doub N N 68  
DT  C7    H71    sing N N 69  
DT  C7    H72    sing N N 70  
DT  C7    H73    sing N N 71  
DT  C6    H6     sing N N 72  
MCY N1    C2     sing N N 73  
MCY N1    C6     sing N N 74  
MCY N1    "C1'"  sing N N 75  
MCY C2    N3     sing N N 76  
MCY C2    O2     doub N N 77  
MCY N3    C4     doub N N 78  
MCY C4    C5     sing N N 79  
MCY C4    N4     sing N N 80  
MCY C5    C6     doub N N 81  
MCY C5    C5A    sing N N 82  
MCY C6    H6     sing N N 83  
MCY N4    HN41   sing N N 84  
MCY N4    HN42   sing N N 85  
MCY "C1'" "C2'"  sing N N 86  
MCY "C1'" "O4'"  sing N N 87  
MCY "C1'" "H1'"  sing N N 88  
MCY "C2'" "C3'"  sing N N 89  
MCY "C2'" "H2'"  sing N N 90  
MCY "C2'" "H2''" sing N N 91  
MCY "C3'" "C4'"  sing N N 92  
MCY "C3'" "O3'"  sing N N 93  
MCY "C3'" "H3'"  sing N N 94  
MCY "C4'" "O4'"  sing N N 95  
MCY "C4'" "C5'"  sing N N 96  
MCY "C4'" "H4'"  sing N N 97  
MCY "O3'" "HO3'" sing N N 98  
MCY "C5'" "O5'"  sing N N 99  
MCY "C5'" "H5'"  sing N N 100 
MCY "C5'" "H5''" sing N N 101 
MCY "O5'" "HO5'" sing N N 102 
MCY C5A   H5A1   sing N N 103 
MCY C5A   H5A2   sing N N 104 
MCY C5A   H5A3   sing N N 105 
# 
loop_
_ndb_struct_conf_na.entry_id 
_ndb_struct_conf_na.feature 
1Q2T 'quadruple helix'      
1Q2T 'parallel strands'     
1Q2T 'mismatched base pair' 
# 
loop_
_ndb_struct_na_base_pair.model_number 
_ndb_struct_na_base_pair.i_label_asym_id 
_ndb_struct_na_base_pair.i_label_comp_id 
_ndb_struct_na_base_pair.i_label_seq_id 
_ndb_struct_na_base_pair.i_symmetry 
_ndb_struct_na_base_pair.j_label_asym_id 
_ndb_struct_na_base_pair.j_label_comp_id 
_ndb_struct_na_base_pair.j_label_seq_id 
_ndb_struct_na_base_pair.j_symmetry 
_ndb_struct_na_base_pair.shear 
_ndb_struct_na_base_pair.stretch 
_ndb_struct_na_base_pair.stagger 
_ndb_struct_na_base_pair.buckle 
_ndb_struct_na_base_pair.propeller 
_ndb_struct_na_base_pair.opening 
_ndb_struct_na_base_pair.pair_number 
_ndb_struct_na_base_pair.pair_name 
_ndb_struct_na_base_pair.i_auth_asym_id 
_ndb_struct_na_base_pair.i_auth_seq_id 
_ndb_struct_na_base_pair.i_PDB_ins_code 
_ndb_struct_na_base_pair.j_auth_asym_id 
_ndb_struct_na_base_pair.j_auth_seq_id 
_ndb_struct_na_base_pair.j_PDB_ins_code 
_ndb_struct_na_base_pair.hbond_type_28 
_ndb_struct_na_base_pair.hbond_type_12 
1 A DC  7 1_555 C DC  7 1_555 -2.145 -1.916 0.079  24.851  20.932  -179.060 1  A_DC7:DC7_C   A 7 ? C 7 ? 15 2 
1 D MCY 1 1_555 B MCY 1 1_555 -2.031 -0.024 -0.006 -15.554 -26.415 -179.765 2  D_MCY1:MCY1_B D 1 ? B 1 ? 14 2 
1 A DC  6 1_555 C DC  6 1_555 -2.190 -2.024 -0.083 2.295   -19.457 -179.846 3  A_DC6:DC6_C   A 6 ? C 6 ? 15 2 
1 D DC  2 1_555 B DC  2 1_555 -2.129 -0.217 -0.073 14.049  -4.505  -179.762 4  D_DC2:DC2_B   D 2 ? B 2 ? 14 2 
1 A DT  5 1_555 C DT  5 1_555 1.456  -0.499 -0.119 16.974  23.090  179.884  5  A_DT5:DT5_C   A 5 ? C 5 ? 12 2 
1 C DC  4 1_555 A DC  4 1_555 2.237  0.001  0.381  26.737  5.745   176.334  6  C_DC4:DC4_A   C 4 ? A 4 ? 14 2 
1 B DC  4 1_555 D DC  4 1_555 1.896  0.334  -0.101 -9.356  35.472  178.912  7  B_DC4:DC4_D   B 4 ? D 4 ? 14 2 
1 C DT  3 1_555 A DT  3 1_555 -1.309 0.366  -0.201 -4.202  -16.685 -178.309 8  C_DT3:DT3_A   C 3 ? A 3 ? 12 2 
1 A DC  2 1_555 C DC  2 1_555 2.015  0.432  0.094  20.912  10.916  179.000  9  A_DC2:DC2_C   A 2 ? C 2 ? 14 2 
1 D DC  6 1_555 B DC  6 1_555 1.748  0.889  -0.141 -28.293 -40.250 178.564  10 D_DC6:DC6_B   D 6 ? B 6 ? 14 2 
1 A MCY 1 1_555 C MCY 1 1_555 2.095  0.062  -0.108 -3.851  1.224   179.626  11 A_MCY1:MCY1_C A 1 ? C 1 ? 14 2 
1 D DC  7 1_555 B DC  7 1_555 -1.919 -1.628 -0.007 8.272   22.326  -179.912 12 D_DC7:DC7_B   D 7 ? B 7 ? 15 2 
# 
loop_
_ndb_struct_na_base_pair_step.model_number 
_ndb_struct_na_base_pair_step.i_label_asym_id_1 
_ndb_struct_na_base_pair_step.i_label_comp_id_1 
_ndb_struct_na_base_pair_step.i_label_seq_id_1 
_ndb_struct_na_base_pair_step.i_symmetry_1 
_ndb_struct_na_base_pair_step.j_label_asym_id_1 
_ndb_struct_na_base_pair_step.j_label_comp_id_1 
_ndb_struct_na_base_pair_step.j_label_seq_id_1 
_ndb_struct_na_base_pair_step.j_symmetry_1 
_ndb_struct_na_base_pair_step.i_label_asym_id_2 
_ndb_struct_na_base_pair_step.i_label_comp_id_2 
_ndb_struct_na_base_pair_step.i_label_seq_id_2 
_ndb_struct_na_base_pair_step.i_symmetry_2 
_ndb_struct_na_base_pair_step.j_label_asym_id_2 
_ndb_struct_na_base_pair_step.j_label_comp_id_2 
_ndb_struct_na_base_pair_step.j_label_seq_id_2 
_ndb_struct_na_base_pair_step.j_symmetry_2 
_ndb_struct_na_base_pair_step.shift 
_ndb_struct_na_base_pair_step.slide 
_ndb_struct_na_base_pair_step.rise 
_ndb_struct_na_base_pair_step.tilt 
_ndb_struct_na_base_pair_step.roll 
_ndb_struct_na_base_pair_step.twist 
_ndb_struct_na_base_pair_step.x_displacement 
_ndb_struct_na_base_pair_step.y_displacement 
_ndb_struct_na_base_pair_step.helical_rise 
_ndb_struct_na_base_pair_step.inclination 
_ndb_struct_na_base_pair_step.tip 
_ndb_struct_na_base_pair_step.helical_twist 
_ndb_struct_na_base_pair_step.step_number 
_ndb_struct_na_base_pair_step.step_name 
_ndb_struct_na_base_pair_step.i_auth_asym_id_1 
_ndb_struct_na_base_pair_step.i_auth_seq_id_1 
_ndb_struct_na_base_pair_step.i_PDB_ins_code_1 
_ndb_struct_na_base_pair_step.j_auth_asym_id_1 
_ndb_struct_na_base_pair_step.j_auth_seq_id_1 
_ndb_struct_na_base_pair_step.j_PDB_ins_code_1 
_ndb_struct_na_base_pair_step.i_auth_asym_id_2 
_ndb_struct_na_base_pair_step.i_auth_seq_id_2 
_ndb_struct_na_base_pair_step.i_PDB_ins_code_2 
_ndb_struct_na_base_pair_step.j_auth_asym_id_2 
_ndb_struct_na_base_pair_step.j_auth_seq_id_2 
_ndb_struct_na_base_pair_step.j_PDB_ins_code_2 
1 A DC  7 1_555 C DC  7 1_555 D MCY 1 1_555 B MCY 1 1_555 1.815  -2.039 -0.060 132.601  119.870  63.339   -0.999 -0.930 -0.049 
60.134  -66.521 178.937  1  AD_DC7MCY1:MCY1DC7_BC A 7 ? C 7 ? D 1 ? B 1 ? 
1 D MCY 1 1_555 B MCY 1 1_555 A DC  6 1_555 C DC  6 1_555 -3.132 3.180  -0.001 128.235  125.439  -115.383 -1.591 -1.565 0.008  
-62.753 64.152  -179.672 2  DA_MCY1DC6:DC6MCY1_CB D 1 ? B 1 ? A 6 ? C 6 ? 
1 A DC  6 1_555 C DC  6 1_555 D DC  2 1_555 B DC  2 1_555 -1.312 2.145  -0.115 -153.820 -90.531  35.875   1.052  0.690  0.005  
-45.532 77.362  178.558  3  AD_DC6DC2:DC2DC6_BC   A 6 ? C 6 ? D 2 ? B 2 ? 
1 D DC  2 1_555 B DC  2 1_555 A DT  5 1_555 C DT  5 1_555 2.326  2.705  -0.043 136.173  -115.595 60.481   1.344  -1.173 -0.002 
-58.019 -68.347 178.808  4  DA_DC2DT5:DT5DC2_CB   D 2 ? B 2 ? A 5 ? C 5 ? 
1 A DT  5 1_555 C DT  5 1_555 C DC  4 1_555 A DC  4 1_555 0.084  -0.077 -2.710 2.195    -1.926   149.275  -0.046 -0.051 -2.709 
-0.999  -1.138  149.285  5  AC_DT5DC4:DC4DT5_AC   A 5 ? C 5 ? C 4 ? A 4 ? 
1 C DC  4 1_555 A DC  4 1_555 B DC  4 1_555 D DC  4 1_555 -1.022 1.620  0.035  -141.397 -103.535 93.530   0.807  0.516  -0.065 
-52.148 71.218  176.747  6  CB_DC4DC4:DC4DC4_DA   C 4 ? A 4 ? B 4 ? D 4 ? 
1 B DC  4 1_555 D DC  4 1_555 C DT  3 1_555 A DT  3 1_555 2.822  3.714  -0.028 140.129  -111.520 -169.640 -1.858 1.410  -0.018 
55.761  70.066  -179.918 7  BC_DC4DT3:DT3DC4_AD   B 4 ? D 4 ? C 3 ? A 3 ? 
1 C DT  3 1_555 A DT  3 1_555 A DC  2 1_555 C DC  2 1_555 0.031  0.030  -2.865 1.635    0.825    -23.598  0.168  -0.401 -2.860 
-2.013  3.990   -23.668  8  CA_DT3DC2:DC2DT3_CA   C 3 ? A 3 ? A 2 ? C 2 ? 
1 A DC  2 1_555 C DC  2 1_555 D DC  6 1_555 B DC  6 1_555 -2.680 3.707  0.622  -131.352 -121.322 -29.254  -1.511 -1.711 0.686  
60.963  -66.003 -178.847 9  AD_DC2DC6:DC6DC2_BC   A 2 ? C 2 ? D 6 ? B 6 ? 
1 D DC  6 1_555 B DC  6 1_555 A MCY 1 1_555 C MCY 1 1_555 -2.300 1.943  -0.148 121.598  127.281  -66.112  -0.957 -1.164 0.074  
-64.293 61.422  -176.673 10 DA_DC6MCY1:MCY1DC6_CB D 6 ? B 6 ? A 1 ? C 1 ? 
1 A MCY 1 1_555 C MCY 1 1_555 D DC  7 1_555 B DC  7 1_555 -2.589 -2.426 0.256  116.721  -135.291 136.071  -1.173 1.330  0.292  
-67.682 -58.392 179.507  11 AD_MCY1DC7:DC7MCY1_BC A 1 ? C 1 ? D 7 ? B 7 ? 
# 
_pdbx_nmr_spectrometer.spectrometer_id   1 
_pdbx_nmr_spectrometer.type              ? 
_pdbx_nmr_spectrometer.manufacturer      Varian 
_pdbx_nmr_spectrometer.model             INOVA 
_pdbx_nmr_spectrometer.field_strength    500 
# 
_atom_sites.entry_id                    1Q2T 
_atom_sites.fract_transf_matrix[1][1]   1.000000 
_atom_sites.fract_transf_matrix[1][2]   0.000000 
_atom_sites.fract_transf_matrix[1][3]   0.000000 
_atom_sites.fract_transf_matrix[2][1]   0.000000 
_atom_sites.fract_transf_matrix[2][2]   1.000000 
_atom_sites.fract_transf_matrix[2][3]   0.000000 
_atom_sites.fract_transf_matrix[3][1]   0.000000 
_atom_sites.fract_transf_matrix[3][2]   0.000000 
_atom_sites.fract_transf_matrix[3][3]   1.000000 
_atom_sites.fract_transf_vector[1]      0.00000 
_atom_sites.fract_transf_vector[2]      0.00000 
_atom_sites.fract_transf_vector[3]      0.00000 
# 
loop_
_atom_type.symbol 
C 
H 
N 
O 
P 
# 
loop_
_atom_site.group_PDB 
_atom_site.id 
_atom_site.type_symbol 
_atom_site.label_atom_id 
_atom_site.label_alt_id 
_atom_site.label_comp_id 
_atom_site.label_asym_id 
_atom_site.label_entity_id 
_atom_site.label_seq_id 
_atom_site.pdbx_PDB_ins_code 
_atom_site.Cartn_x 
_atom_site.Cartn_y 
_atom_site.Cartn_z 
_atom_site.occupancy 
_atom_site.B_iso_or_equiv 
_atom_site.pdbx_formal_charge 
_atom_site.auth_seq_id 
_atom_site.auth_comp_id 
_atom_site.auth_asym_id 
_atom_site.auth_atom_id 
_atom_site.pdbx_PDB_model_num 
HETATM 1   N N1     . MCY A 1 1 ? 12.017  6.289   7.453   1.00 0.00 ? 1 MCY A N1     1 
HETATM 2   C C2     . MCY A 1 1 ? 11.448  7.348   6.779   1.00 0.00 ? 1 MCY A C2     1 
HETATM 3   N N3     . MCY A 1 1 ? 11.821  7.542   5.491   1.00 0.00 ? 1 MCY A N3     1 
HETATM 4   C C4     . MCY A 1 1 ? 12.714  6.740   4.887   1.00 0.00 ? 1 MCY A C4     1 
HETATM 5   C C5     . MCY A 1 1 ? 13.268  5.708   5.560   1.00 0.00 ? 1 MCY A C5     1 
HETATM 6   C C6     . MCY A 1 1 ? 12.918  5.482   6.837   1.00 0.00 ? 1 MCY A C6     1 
HETATM 7   O O2     . MCY A 1 1 ? 10.630  8.080   7.332   1.00 0.00 ? 1 MCY A O2     1 
HETATM 8   N N4     . MCY A 1 1 ? 13.034  6.964   3.616   1.00 0.00 ? 1 MCY A N4     1 
HETATM 9   C "C1'"  . MCY A 1 1 ? 11.602  6.051   8.850   1.00 0.00 ? 1 MCY A "C1'"  1 
HETATM 10  C "C2'"  . MCY A 1 1 ? 10.435  5.083   8.891   1.00 0.00 ? 1 MCY A "C2'"  1 
HETATM 11  C "C3'"  . MCY A 1 1 ? 10.904  3.858   9.633   1.00 0.00 ? 1 MCY A "C3'"  1 
HETATM 12  C "C4'"  . MCY A 1 1 ? 12.300  4.186   10.143  1.00 0.00 ? 1 MCY A "C4'"  1 
HETATM 13  O "O4'"  . MCY A 1 1 ? 12.681  5.478   9.621   1.00 0.00 ? 1 MCY A "O4'"  1 
HETATM 14  O "O3'"  . MCY A 1 1 ? 10.024  3.541   10.720  1.00 0.00 ? 1 MCY A "O3'"  1 
HETATM 15  C "C5'"  . MCY A 1 1 ? 13.300  3.112   9.719   1.00 0.00 ? 1 MCY A "C5'"  1 
HETATM 16  O "O5'"  . MCY A 1 1 ? 13.578  3.173   8.317   1.00 0.00 ? 1 MCY A "O5'"  1 
HETATM 17  C C5A    . MCY A 1 1 ? 14.302  4.814   4.876   1.00 0.00 ? 1 MCY A C5A    1 
HETATM 18  H H6     . MCY A 1 1 ? 13.347  4.637   7.379   1.00 0.00 ? 1 MCY A H6     1 
HETATM 19  H HN41   . MCY A 1 1 ? 13.697  6.364   3.146   1.00 0.00 ? 1 MCY A HN41   1 
HETATM 20  H HN42   . MCY A 1 1 ? 12.605  7.732   3.122   1.00 0.00 ? 1 MCY A HN42   1 
HETATM 21  H "H1'"  . MCY A 1 1 ? 11.301  6.997   9.300   1.00 0.00 ? 1 MCY A "H1'"  1 
HETATM 22  H "H2'"  . MCY A 1 1 ? 10.138  4.813   7.878   1.00 0.00 ? 1 MCY A "H2'"  1 
HETATM 23  H "H2''" . MCY A 1 1 ? 9.595   5.537   9.416   1.00 0.00 ? 1 MCY A "H2''" 1 
HETATM 24  H "H3'"  . MCY A 1 1 ? 10.962  3.017   8.939   1.00 0.00 ? 1 MCY A "H3'"  1 
HETATM 25  H "H4'"  . MCY A 1 1 ? 12.276  4.239   11.232  1.00 0.00 ? 1 MCY A "H4'"  1 
HETATM 26  H "H5'"  . MCY A 1 1 ? 14.228  3.253   10.272  1.00 0.00 ? 1 MCY A "H5'"  1 
HETATM 27  H "H5''" . MCY A 1 1 ? 12.890  2.130   9.957   1.00 0.00 ? 1 MCY A "H5''" 1 
HETATM 28  H "HO5'" . MCY A 1 1 ? 13.446  2.292   7.961   1.00 0.00 ? 1 MCY A "HO5'" 1 
HETATM 29  H H5A1   . MCY A 1 1 ? 13.829  4.273   4.056   1.00 0.00 ? 1 MCY A H5A1   1 
HETATM 30  H H5A2   . MCY A 1 1 ? 14.702  4.102   5.598   1.00 0.00 ? 1 MCY A H5A2   1 
HETATM 31  H H5A3   . MCY A 1 1 ? 15.112  5.429   4.486   1.00 0.00 ? 1 MCY A H5A3   1 
ATOM   32  P P      . DC  A 1 2 ? 8.501   3.084   10.454  1.00 0.00 ? 2 DC  A P      1 
ATOM   33  O OP1    . DC  A 1 2 ? 7.944   3.923   9.370   1.00 0.00 ? 2 DC  A OP1    1 
ATOM   34  O OP2    . DC  A 1 2 ? 7.807   3.016   11.760  1.00 0.00 ? 2 DC  A OP2    1 
ATOM   35  O "O5'"  . DC  A 1 2 ? 8.671   1.576   9.900   1.00 0.00 ? 2 DC  A "O5'"  1 
ATOM   36  C "C5'"  . DC  A 1 2 ? 7.892   1.090   8.797   1.00 0.00 ? 2 DC  A "C5'"  1 
ATOM   37  C "C4'"  . DC  A 1 2 ? 6.414   1.462   8.930   1.00 0.00 ? 2 DC  A "C4'"  1 
ATOM   38  O "O4'"  . DC  A 1 2 ? 6.075   2.527   8.014   1.00 0.00 ? 2 DC  A "O4'"  1 
ATOM   39  C "C3'"  . DC  A 1 2 ? 5.510   0.271   8.633   1.00 0.00 ? 2 DC  A "C3'"  1 
ATOM   40  O "O3'"  . DC  A 1 2 ? 4.842   -0.171  9.823   1.00 0.00 ? 2 DC  A "O3'"  1 
ATOM   41  C "C2'"  . DC  A 1 2 ? 4.527   0.751   7.600   1.00 0.00 ? 2 DC  A "C2'"  1 
ATOM   42  C "C1'"  . DC  A 1 2 ? 4.971   2.138   7.170   1.00 0.00 ? 2 DC  A "C1'"  1 
ATOM   43  N N1     . DC  A 1 2 ? 5.372   2.158   5.743   1.00 0.00 ? 2 DC  A N1     1 
ATOM   44  C C2     . DC  A 1 2 ? 5.069   3.307   5.014   1.00 0.00 ? 2 DC  A C2     1 
ATOM   45  O O2     . DC  A 1 2 ? 4.492   4.272   5.512   1.00 0.00 ? 2 DC  A O2     1 
ATOM   46  N N3     . DC  A 1 2 ? 5.449   3.296   3.689   1.00 0.00 ? 2 DC  A N3     1 
ATOM   47  C C4     . DC  A 1 2 ? 6.079   2.242   3.103   1.00 0.00 ? 2 DC  A C4     1 
ATOM   48  N N4     . DC  A 1 2 ? 6.422   2.361   1.820   1.00 0.00 ? 2 DC  A N4     1 
ATOM   49  C C5     . DC  A 1 2 ? 6.377   1.081   3.859   1.00 0.00 ? 2 DC  A C5     1 
ATOM   50  C C6     . DC  A 1 2 ? 6.016   1.076   5.166   1.00 0.00 ? 2 DC  A C6     1 
ATOM   51  H "H5'"  . DC  A 1 2 ? 7.984   0.004   8.751   1.00 0.00 ? 2 DC  A "H5'"  1 
ATOM   52  H "H5''" . DC  A 1 2 ? 8.282   1.516   7.872   1.00 0.00 ? 2 DC  A "H5''" 1 
ATOM   53  H "H4'"  . DC  A 1 2 ? 6.224   1.801   9.948   1.00 0.00 ? 2 DC  A "H4'"  1 
ATOM   54  H "H3'"  . DC  A 1 2 ? 6.101   -0.547  8.210   1.00 0.00 ? 2 DC  A "H3'"  1 
ATOM   55  H "H2'"  . DC  A 1 2 ? 4.530   0.076   6.748   1.00 0.00 ? 2 DC  A "H2'"  1 
ATOM   56  H "H2''" . DC  A 1 2 ? 3.528   0.799   8.031   1.00 0.00 ? 2 DC  A "H2''" 1 
ATOM   57  H "H1'"  . DC  A 1 2 ? 4.146   2.833   7.317   1.00 0.00 ? 2 DC  A "H1'"  1 
ATOM   58  H H41    . DC  A 1 2 ? 6.919   1.609   1.352   1.00 0.00 ? 2 DC  A H41    1 
ATOM   59  H H42    . DC  A 1 2 ? 6.167   3.196   1.311   1.00 0.00 ? 2 DC  A H42    1 
ATOM   60  H H5     . DC  A 1 2 ? 6.835   0.215   3.396   1.00 0.00 ? 2 DC  A H5     1 
ATOM   61  H H6     . DC  A 1 2 ? 6.243   0.203   5.777   1.00 0.00 ? 2 DC  A H6     1 
ATOM   62  H HN3    . DC  A 1 2 ? 5.251   4.121   3.149   1.00 0.00 ? 2 DC  A HN3    1 
ATOM   63  P P      . DT  A 1 3 ? 3.683   -1.293  9.765   1.00 0.00 ? 3 DT  A P      1 
ATOM   64  O OP1    . DT  A 1 3 ? 3.734   -2.074  11.021  1.00 0.00 ? 3 DT  A OP1    1 
ATOM   65  O OP2    . DT  A 1 3 ? 3.770   -1.989  8.460   1.00 0.00 ? 3 DT  A OP2    1 
ATOM   66  O "O5'"  . DT  A 1 3 ? 2.339   -0.403  9.781   1.00 0.00 ? 3 DT  A "O5'"  1 
ATOM   67  C "C5'"  . DT  A 1 3 ? 1.216   -0.749  8.963   1.00 0.00 ? 3 DT  A "C5'"  1 
ATOM   68  C "C4'"  . DT  A 1 3 ? 0.411   0.488   8.567   1.00 0.00 ? 3 DT  A "C4'"  1 
ATOM   69  O "O4'"  . DT  A 1 3 ? 1.254   1.454   7.897   1.00 0.00 ? 3 DT  A "O4'"  1 
ATOM   70  C "C3'"  . DT  A 1 3 ? -0.729  0.119   7.631   1.00 0.00 ? 3 DT  A "C3'"  1 
ATOM   71  O "O3'"  . DT  A 1 3 ? -2.000  0.270   8.276   1.00 0.00 ? 3 DT  A "O3'"  1 
ATOM   72  C "C2'"  . DT  A 1 3 ? -0.611  1.044   6.448   1.00 0.00 ? 3 DT  A "C2'"  1 
ATOM   73  C "C1'"  . DT  A 1 3 ? 0.697   1.808   6.610   1.00 0.00 ? 3 DT  A "C1'"  1 
ATOM   74  N N1     . DT  A 1 3 ? 1.635   1.463   5.515   1.00 0.00 ? 3 DT  A N1     1 
ATOM   75  C C2     . DT  A 1 3 ? 1.709   2.325   4.433   1.00 0.00 ? 3 DT  A C2     1 
ATOM   76  O O2     . DT  A 1 3 ? 1.086   3.383   4.392   1.00 0.00 ? 3 DT  A O2     1 
ATOM   77  N N3     . DT  A 1 3 ? 2.537   1.931   3.398   1.00 0.00 ? 3 DT  A N3     1 
ATOM   78  C C4     . DT  A 1 3 ? 3.283   0.770   3.347   1.00 0.00 ? 3 DT  A C4     1 
ATOM   79  O O4     . DT  A 1 3 ? 3.960   0.511   2.354   1.00 0.00 ? 3 DT  A O4     1 
ATOM   80  C C5     . DT  A 1 3 ? 3.154   -0.064  4.524   1.00 0.00 ? 3 DT  A C5     1 
ATOM   81  C C7     . DT  A 1 3 ? 3.929   -1.380  4.604   1.00 0.00 ? 3 DT  A C7     1 
ATOM   82  C C6     . DT  A 1 3 ? 2.356   0.300   5.550   1.00 0.00 ? 3 DT  A C6     1 
ATOM   83  H "H5'"  . DT  A 1 3 ? 0.570   -1.431  9.516   1.00 0.00 ? 3 DT  A "H5'"  1 
ATOM   84  H "H5''" . DT  A 1 3 ? 1.570   -1.248  8.061   1.00 0.00 ? 3 DT  A "H5''" 1 
ATOM   85  H "H4'"  . DT  A 1 3 ? -0.002  0.945   9.467   1.00 0.00 ? 3 DT  A "H4'"  1 
ATOM   86  H "H3'"  . DT  A 1 3 ? -0.604  -0.913  7.295   1.00 0.00 ? 3 DT  A "H3'"  1 
ATOM   87  H "H2'"  . DT  A 1 3 ? -0.592  0.468   5.526   1.00 0.00 ? 3 DT  A "H2'"  1 
ATOM   88  H "H2''" . DT  A 1 3 ? -1.451  1.738   6.432   1.00 0.00 ? 3 DT  A "H2''" 1 
ATOM   89  H "H1'"  . DT  A 1 3 ? 0.495   2.878   6.587   1.00 0.00 ? 3 DT  A "H1'"  1 
ATOM   90  H H3     . DT  A 1 3 ? 2.622   2.558   2.612   1.00 0.00 ? 3 DT  A H3     1 
ATOM   91  H H71    . DT  A 1 3 ? 3.234   -2.215  4.516   1.00 0.00 ? 3 DT  A H71    1 
ATOM   92  H H72    . DT  A 1 3 ? 4.449   -1.441  5.558   1.00 0.00 ? 3 DT  A H72    1 
ATOM   93  H H73    . DT  A 1 3 ? 4.654   -1.425  3.791   1.00 0.00 ? 3 DT  A H73    1 
ATOM   94  H H6     . DT  A 1 3 ? 2.311   -0.325  6.443   1.00 0.00 ? 3 DT  A H6     1 
ATOM   95  P P      . DC  A 1 4 ? -3.092  -0.914  8.229   1.00 0.00 ? 4 DC  A P      1 
ATOM   96  O OP1    . DC  A 1 4 ? -4.262  -0.497  9.033   1.00 0.00 ? 4 DC  A OP1    1 
ATOM   97  O OP2    . DC  A 1 4 ? -2.406  -2.190  8.534   1.00 0.00 ? 4 DC  A OP2    1 
ATOM   98  O "O5'"  . DC  A 1 4 ? -3.525  -0.935  6.675   1.00 0.00 ? 4 DC  A "O5'"  1 
ATOM   99  C "C5'"  . DC  A 1 4 ? -4.901  -0.826  6.292   1.00 0.00 ? 4 DC  A "C5'"  1 
ATOM   100 C "C4'"  . DC  A 1 4 ? -5.166  0.447   5.489   1.00 0.00 ? 4 DC  A "C4'"  1 
ATOM   101 O "O4'"  . DC  A 1 4 ? -4.002  0.831   4.722   1.00 0.00 ? 4 DC  A "O4'"  1 
ATOM   102 C "C3'"  . DC  A 1 4 ? -6.327  0.254   4.521   1.00 0.00 ? 4 DC  A "C3'"  1 
ATOM   103 O "O3'"  . DC  A 1 4 ? -7.455  1.041   4.920   1.00 0.00 ? 4 DC  A "O3'"  1 
ATOM   104 C "C2'"  . DC  A 1 4 ? -5.814  0.689   3.174   1.00 0.00 ? 4 DC  A "C2'"  1 
ATOM   105 C "C1'"  . DC  A 1 4 ? -4.319  0.876   3.313   1.00 0.00 ? 4 DC  A "C1'"  1 
ATOM   106 N N1     . DC  A 1 4 ? -3.587  -0.186  2.588   1.00 0.00 ? 4 DC  A N1     1 
ATOM   107 C C2     . DC  A 1 4 ? -3.025  0.134   1.353   1.00 0.00 ? 4 DC  A C2     1 
ATOM   108 O O2     . DC  A 1 4 ? -3.250  1.192   0.771   1.00 0.00 ? 4 DC  A O2     1 
ATOM   109 N N3     . DC  A 1 4 ? -2.264  -0.854  0.770   1.00 0.00 ? 4 DC  A N3     1 
ATOM   110 C C4     . DC  A 1 4 ? -2.080  -2.072  1.319   1.00 0.00 ? 4 DC  A C4     1 
ATOM   111 N N4     . DC  A 1 4 ? -1.317  -2.948  0.664   1.00 0.00 ? 4 DC  A N4     1 
ATOM   112 C C5     . DC  A 1 4 ? -2.670  -2.383  2.553   1.00 0.00 ? 4 DC  A C5     1 
ATOM   113 C C6     . DC  A 1 4 ? -3.410  -1.425  3.162   1.00 0.00 ? 4 DC  A C6     1 
ATOM   114 H "H5'"  . DC  A 1 4 ? -5.520  -0.814  7.190   1.00 0.00 ? 4 DC  A "H5'"  1 
ATOM   115 H "H5''" . DC  A 1 4 ? -5.171  -1.694  5.690   1.00 0.00 ? 4 DC  A "H5''" 1 
ATOM   116 H "H4'"  . DC  A 1 4 ? -5.414  1.253   6.179   1.00 0.00 ? 4 DC  A "H4'"  1 
ATOM   117 H "H3'"  . DC  A 1 4 ? -6.602  -0.808  4.476   1.00 0.00 ? 4 DC  A "H3'"  1 
ATOM   118 H "H2'"  . DC  A 1 4 ? -6.020  -0.074  2.434   1.00 0.00 ? 4 DC  A "H2'"  1 
ATOM   119 H "H2''" . DC  A 1 4 ? -6.283  1.629   2.881   1.00 0.00 ? 4 DC  A "H2''" 1 
ATOM   120 H "H1'"  . DC  A 1 4 ? -4.037  1.849   2.908   1.00 0.00 ? 4 DC  A "H1'"  1 
ATOM   121 H H41    . DC  A 1 4 ? -1.147  -3.864  1.053   1.00 0.00 ? 4 DC  A H41    1 
ATOM   122 H H42    . DC  A 1 4 ? -0.906  -2.693  -0.225  1.00 0.00 ? 4 DC  A H42    1 
ATOM   123 H H5     . DC  A 1 4 ? -2.538  -3.349  2.985   1.00 0.00 ? 4 DC  A H5     1 
ATOM   124 H H6     . DC  A 1 4 ? -3.875  -1.641  4.126   1.00 0.00 ? 4 DC  A H6     1 
ATOM   125 H HN3    . DC  A 1 4 ? -1.780  -0.619  -0.071  1.00 0.00 ? 4 DC  A HN3    1 
ATOM   126 P P      . DT  A 1 5 ? -8.948  0.452   4.816   1.00 0.00 ? 5 DT  A P      1 
ATOM   127 O OP1    . DT  A 1 5 ? -9.896  1.589   4.821   1.00 0.00 ? 5 DT  A OP1    1 
ATOM   128 O OP2    . DT  A 1 5 ? -9.090  -0.632  5.814   1.00 0.00 ? 5 DT  A OP2    1 
ATOM   129 O "O5'"  . DT  A 1 5 ? -8.957  -0.212  3.348   1.00 0.00 ? 5 DT  A "O5'"  1 
ATOM   130 C "C5'"  . DT  A 1 5 ? -10.013 0.066   2.426   1.00 0.00 ? 5 DT  A "C5'"  1 
ATOM   131 C "C4'"  . DT  A 1 5 ? -9.584  1.068   1.352   1.00 0.00 ? 5 DT  A "C4'"  1 
ATOM   132 O "O4'"  . DT  A 1 5 ? -8.141  1.156   1.262   1.00 0.00 ? 5 DT  A "O4'"  1 
ATOM   133 C "C3'"  . DT  A 1 5 ? -10.119 0.657   -0.011  1.00 0.00 ? 5 DT  A "C3'"  1 
ATOM   134 O "O3'"  . DT  A 1 5 ? -11.054 1.625   -0.501  1.00 0.00 ? 5 DT  A "O3'"  1 
ATOM   135 C "C2'"  . DT  A 1 5 ? -8.919  0.564   -0.915  1.00 0.00 ? 5 DT  A "C2'"  1 
ATOM   136 C "C1'"  . DT  A 1 5 ? -7.691  0.727   -0.043  1.00 0.00 ? 5 DT  A "C1'"  1 
ATOM   137 N N1     . DT  A 1 5 ? -6.906  -0.530  0.071   1.00 0.00 ? 5 DT  A N1     1 
ATOM   138 C C2     . DT  A 1 5 ? -5.900  -0.741  -0.857  1.00 0.00 ? 5 DT  A C2     1 
ATOM   139 O O2     . DT  A 1 5 ? -5.693  0.035   -1.789  1.00 0.00 ? 5 DT  A O2     1 
ATOM   140 N N3     . DT  A 1 5 ? -5.136  -1.879  -0.677  1.00 0.00 ? 5 DT  A N3     1 
ATOM   141 C C4     . DT  A 1 5 ? -5.279  -2.810  0.326   1.00 0.00 ? 5 DT  A C4     1 
ATOM   142 O O4     . DT  A 1 5 ? -4.528  -3.781  0.387   1.00 0.00 ? 5 DT  A O4     1 
ATOM   143 C C5     . DT  A 1 5 ? -6.348  -2.520  1.248   1.00 0.00 ? 5 DT  A C5     1 
ATOM   144 C C7     . DT  A 1 5 ? -6.589  -3.461  2.421   1.00 0.00 ? 5 DT  A C7     1 
ATOM   145 C C6     . DT  A 1 5 ? -7.116  -1.418  1.101   1.00 0.00 ? 5 DT  A C6     1 
ATOM   146 H "H5'"  . DT  A 1 5 ? -10.865 0.475   2.970   1.00 0.00 ? 5 DT  A "H5'"  1 
ATOM   147 H "H5''" . DT  A 1 5 ? -10.315 -0.865  1.946   1.00 0.00 ? 5 DT  A "H5''" 1 
ATOM   148 H "H4'"  . DT  A 1 5 ? -9.981  2.051   1.607   1.00 0.00 ? 5 DT  A "H4'"  1 
ATOM   149 H "H3'"  . DT  A 1 5 ? -10.597 -0.326  0.061   1.00 0.00 ? 5 DT  A "H3'"  1 
ATOM   150 H "H2'"  . DT  A 1 5 ? -8.900  -0.389  -1.416  1.00 0.00 ? 5 DT  A "H2'"  1 
ATOM   151 H "H2''" . DT  A 1 5 ? -8.955  1.366   -1.651  1.00 0.00 ? 5 DT  A "H2''" 1 
ATOM   152 H "H1'"  . DT  A 1 5 ? -7.062  1.495   -0.488  1.00 0.00 ? 5 DT  A "H1'"  1 
ATOM   153 H H3     . DT  A 1 5 ? -4.402  -2.044  -1.336  1.00 0.00 ? 5 DT  A H3     1 
ATOM   154 H H71    . DT  A 1 5 ? -6.557  -2.896  3.353   1.00 0.00 ? 5 DT  A H71    1 
ATOM   155 H H72    . DT  A 1 5 ? -5.815  -4.229  2.437   1.00 0.00 ? 5 DT  A H72    1 
ATOM   156 H H73    . DT  A 1 5 ? -7.566  -3.932  2.314   1.00 0.00 ? 5 DT  A H73    1 
ATOM   157 H H6     . DT  A 1 5 ? -7.908  -1.221  1.827   1.00 0.00 ? 5 DT  A H6     1 
ATOM   158 P P      . DC  A 1 6 ? -11.821 1.393   -1.896  1.00 0.00 ? 6 DC  A P      1 
ATOM   159 O OP1    . DC  A 1 6 ? -10.876 1.673   -3.000  1.00 0.00 ? 6 DC  A OP1    1 
ATOM   160 O OP2    . DC  A 1 6 ? -13.118 2.103   -1.835  1.00 0.00 ? 6 DC  A OP2    1 
ATOM   161 O "O5'"  . DC  A 1 6 ? -12.109 -0.190  -1.870  1.00 0.00 ? 6 DC  A "O5'"  1 
ATOM   162 C "C5'"  . DC  A 1 6 ? -13.179 -0.748  -2.633  1.00 0.00 ? 6 DC  A "C5'"  1 
ATOM   163 C "C4'"  . DC  A 1 6 ? -12.724 -1.133  -4.039  1.00 0.00 ? 6 DC  A "C4'"  1 
ATOM   164 O "O4'"  . DC  A 1 6 ? -11.381 -1.667  -4.017  1.00 0.00 ? 6 DC  A "O4'"  1 
ATOM   165 C "C3'"  . DC  A 1 6 ? -13.650 -2.187  -4.625  1.00 0.00 ? 6 DC  A "C3'"  1 
ATOM   166 O "O3'"  . DC  A 1 6 ? -14.315 -1.690  -5.791  1.00 0.00 ? 6 DC  A "O3'"  1 
ATOM   167 C "C2'"  . DC  A 1 6 ? -12.780 -3.367  -4.958  1.00 0.00 ? 6 DC  A "C2'"  1 
ATOM   168 C "C1'"  . DC  A 1 6 ? -11.360 -3.010  -4.544  1.00 0.00 ? 6 DC  A "C1'"  1 
ATOM   169 N N1     . DC  A 1 6 ? -10.867 -3.962  -3.532  1.00 0.00 ? 6 DC  A N1     1 
ATOM   170 C C2     . DC  A 1 6 ? -9.778  -4.754  -3.884  1.00 0.00 ? 6 DC  A C2     1 
ATOM   171 O O2     . DC  A 1 6 ? -9.221  -4.658  -4.977  1.00 0.00 ? 6 DC  A O2     1 
ATOM   172 N N3     . DC  A 1 6 ? -9.353  -5.649  -2.928  1.00 0.00 ? 6 DC  A N3     1 
ATOM   173 C C4     . DC  A 1 6 ? -9.942  -5.770  -1.706  1.00 0.00 ? 6 DC  A C4     1 
ATOM   174 N N4     . DC  A 1 6 ? -9.458  -6.694  -0.875  1.00 0.00 ? 6 DC  A N4     1 
ATOM   175 C C5     . DC  A 1 6 ? -11.049 -4.944  -1.361  1.00 0.00 ? 6 DC  A C5     1 
ATOM   176 C C6     . DC  A 1 6 ? -11.481 -4.064  -2.296  1.00 0.00 ? 6 DC  A C6     1 
ATOM   177 H "H5'"  . DC  A 1 6 ? -13.984 -0.016  -2.706  1.00 0.00 ? 6 DC  A "H5'"  1 
ATOM   178 H "H5''" . DC  A 1 6 ? -13.552 -1.636  -2.122  1.00 0.00 ? 6 DC  A "H5''" 1 
ATOM   179 H "H4'"  . DC  A 1 6 ? -12.746 -0.248  -4.674  1.00 0.00 ? 6 DC  A "H4'"  1 
ATOM   180 H "H3'"  . DC  A 1 6 ? -14.387 -2.482  -3.875  1.00 0.00 ? 6 DC  A "H3'"  1 
ATOM   181 H "H2'"  . DC  A 1 6 ? -13.119 -4.244  -4.407  1.00 0.00 ? 6 DC  A "H2'"  1 
ATOM   182 H "H2''" . DC  A 1 6 ? -12.820 -3.566  -6.025  1.00 0.00 ? 6 DC  A "H2''" 1 
ATOM   183 H "H1'"  . DC  A 1 6 ? -10.700 -3.047  -5.419  1.00 0.00 ? 6 DC  A "H1'"  1 
ATOM   184 H H41    . DC  A 1 6 ? -9.875  -6.828  0.034   1.00 0.00 ? 6 DC  A H41    1 
ATOM   185 H H42    . DC  A 1 6 ? -8.675  -7.266  -1.165  1.00 0.00 ? 6 DC  A H42    1 
ATOM   186 H H5     . DC  A 1 6 ? -11.516 -4.997  -0.378  1.00 0.00 ? 6 DC  A H5     1 
ATOM   187 H H6     . DC  A 1 6 ? -12.346 -3.440  -2.076  1.00 0.00 ? 6 DC  A H6     1 
ATOM   188 H HN3    . DC  A 1 6 ? -8.561  -6.226  -3.163  1.00 0.00 ? 6 DC  A HN3    1 
ATOM   189 P P      . DC  A 1 7 ? -15.867 -1.262  -5.720  1.00 0.00 ? 7 DC  A P      1 
ATOM   190 O OP1    . DC  A 1 7 ? -16.386 -1.170  -7.103  1.00 0.00 ? 7 DC  A OP1    1 
ATOM   191 O OP2    . DC  A 1 7 ? -15.984 -0.101  -4.810  1.00 0.00 ? 7 DC  A OP2    1 
ATOM   192 O "O5'"  . DC  A 1 7 ? -16.544 -2.537  -4.998  1.00 0.00 ? 7 DC  A "O5'"  1 
ATOM   193 C "C5'"  . DC  A 1 7 ? -17.449 -3.396  -5.701  1.00 0.00 ? 7 DC  A "C5'"  1 
ATOM   194 C "C4'"  . DC  A 1 7 ? -16.794 -4.034  -6.926  1.00 0.00 ? 7 DC  A "C4'"  1 
ATOM   195 O "O4'"  . DC  A 1 7 ? -15.564 -4.699  -6.563  1.00 0.00 ? 7 DC  A "O4'"  1 
ATOM   196 C "C3'"  . DC  A 1 7 ? -17.720 -5.058  -7.566  1.00 0.00 ? 7 DC  A "C3'"  1 
ATOM   197 O "O3'"  . DC  A 1 7 ? -18.146 -4.622  -8.861  1.00 0.00 ? 7 DC  A "O3'"  1 
ATOM   198 C "C2'"  . DC  A 1 7 ? -16.925 -6.335  -7.662  1.00 0.00 ? 7 DC  A "C2'"  1 
ATOM   199 C "C1'"  . DC  A 1 7 ? -15.548 -6.044  -7.086  1.00 0.00 ? 7 DC  A "C1'"  1 
ATOM   200 N N1     . DC  A 1 7 ? -15.194 -7.027  -6.037  1.00 0.00 ? 7 DC  A N1     1 
ATOM   201 C C2     . DC  A 1 7 ? -14.552 -8.192  -6.454  1.00 0.00 ? 7 DC  A C2     1 
ATOM   202 O O2     . DC  A 1 7 ? -14.250 -8.397  -7.631  1.00 0.00 ? 7 DC  A O2     1 
ATOM   203 N N3     . DC  A 1 7 ? -14.240 -9.096  -5.462  1.00 0.00 ? 7 DC  A N3     1 
ATOM   204 C C4     . DC  A 1 7 ? -14.525 -8.885  -4.145  1.00 0.00 ? 7 DC  A C4     1 
ATOM   205 N N4     . DC  A 1 7 ? -14.166 -9.830  -3.275  1.00 0.00 ? 7 DC  A N4     1 
ATOM   206 C C5     . DC  A 1 7 ? -15.177 -7.688  -3.735  1.00 0.00 ? 7 DC  A C5     1 
ATOM   207 C C6     . DC  A 1 7 ? -15.495 -6.790  -4.706  1.00 0.00 ? 7 DC  A C6     1 
ATOM   208 H "H5'"  . DC  A 1 7 ? -18.314 -2.814  -6.023  1.00 0.00 ? 7 DC  A "H5'"  1 
ATOM   209 H "H5''" . DC  A 1 7 ? -17.784 -4.185  -5.027  1.00 0.00 ? 7 DC  A "H5''" 1 
ATOM   210 H "H4'"  . DC  A 1 7 ? -16.571 -3.254  -7.654  1.00 0.00 ? 7 DC  A "H4'"  1 
ATOM   211 H "H3'"  . DC  A 1 7 ? -18.589 -5.220  -6.923  1.00 0.00 ? 7 DC  A "H3'"  1 
ATOM   212 H "HO3'" . DC  A 1 7 ? -18.759 -5.280  -9.197  1.00 0.00 ? 7 DC  A "HO3'" 1 
ATOM   213 H "H2'"  . DC  A 1 7 ? -17.412 -7.121  -7.086  1.00 0.00 ? 7 DC  A "H2'"  1 
ATOM   214 H "H2''" . DC  A 1 7 ? -16.835 -6.639  -8.705  1.00 0.00 ? 7 DC  A "H2''" 1 
ATOM   215 H "H1'"  . DC  A 1 7 ? -14.811 -6.101  -7.887  1.00 0.00 ? 7 DC  A "H1'"  1 
ATOM   216 H H41    . DC  A 1 7 ? -14.356 -9.709  -2.291  1.00 0.00 ? 7 DC  A H41    1 
ATOM   217 H H42    . DC  A 1 7 ? -13.697 -10.664 -3.602  1.00 0.00 ? 7 DC  A H42    1 
ATOM   218 H H5     . DC  A 1 7 ? -15.390 -7.491  -2.683  1.00 0.00 ? 7 DC  A H5     1 
ATOM   219 H H6     . DC  A 1 7 ? -15.998 -5.863  -4.430  1.00 0.00 ? 7 DC  A H6     1 
ATOM   220 H HN3    . DC  A 1 7 ? -13.783 -9.948  -5.747  1.00 0.00 ? 7 DC  A HN3    1 
HETATM 221 N N1     . MCY B 1 1 ? -10.540 -10.426 -2.020  1.00 0.00 ? 1 MCY B N1     1 
HETATM 222 C C2     . MCY B 1 1 ? -10.465 -10.246 -3.385  1.00 0.00 ? 1 MCY B C2     1 
HETATM 223 N N3     . MCY B 1 1 ? -11.071 -9.148  -3.907  1.00 0.00 ? 1 MCY B N3     1 
HETATM 224 C C4     . MCY B 1 1 ? -11.726 -8.268  -3.130  1.00 0.00 ? 1 MCY B C4     1 
HETATM 225 C C5     . MCY B 1 1 ? -11.795 -8.463  -1.796  1.00 0.00 ? 1 MCY B C5     1 
HETATM 226 C C6     . MCY B 1 1 ? -11.192 -9.532  -1.249  1.00 0.00 ? 1 MCY B C6     1 
HETATM 227 O O2     . MCY B 1 1 ? -9.861  -11.045 -4.094  1.00 0.00 ? 1 MCY B O2     1 
HETATM 228 N N4     . MCY B 1 1 ? -12.286 -7.190  -3.683  1.00 0.00 ? 1 MCY B N4     1 
HETATM 229 C "C1'"  . MCY B 1 1 ? -9.925  -11.633 -1.423  1.00 0.00 ? 1 MCY B "C1'"  1 
HETATM 230 C "C2'"  . MCY B 1 1 ? -8.566  -11.305 -0.838  1.00 0.00 ? 1 MCY B "C2'"  1 
HETATM 231 C "C3'"  . MCY B 1 1 ? -8.592  -11.680 0.609   1.00 0.00 ? 1 MCY B "C3'"  1 
HETATM 232 C "C4'"  . MCY B 1 1 ? -9.999  -12.195 0.885   1.00 0.00 ? 1 MCY B "C4'"  1 
HETATM 233 O "O4'"  . MCY B 1 1 ? -10.746 -12.152 -0.353  1.00 0.00 ? 1 MCY B "O4'"  1 
HETATM 234 O "O3'"  . MCY B 1 1 ? -7.611  -12.684 0.893   1.00 0.00 ? 1 MCY B "O3'"  1 
HETATM 235 C "C5'"  . MCY B 1 1 ? -10.689 -11.355 1.959   1.00 0.00 ? 1 MCY B "C5'"  1 
HETATM 236 O "O5'"  . MCY B 1 1 ? -10.688 -9.964  1.626   1.00 0.00 ? 1 MCY B "O5'"  1 
HETATM 237 C C5A    . MCY B 1 1 ? -12.618 -7.519  -0.923  1.00 0.00 ? 1 MCY B C5A    1 
HETATM 238 H H6     . MCY B 1 1 ? -11.175 -9.654  -0.172  1.00 0.00 ? 1 MCY B H6     1 
HETATM 239 H HN41   . MCY B 1 1 ? -12.764 -6.515  -3.105  1.00 0.00 ? 1 MCY B HN41   1 
HETATM 240 H HN42   . MCY B 1 1 ? -12.231 -7.049  -4.683  1.00 0.00 ? 1 MCY B HN42   1 
HETATM 241 H "H1'"  . MCY B 1 1 ? -9.815  -12.397 -2.191  1.00 0.00 ? 1 MCY B "H1'"  1 
HETATM 242 H "H2'"  . MCY B 1 1 ? -8.380  -10.237 -0.927  1.00 0.00 ? 1 MCY B "H2'"  1 
HETATM 243 H "H2''" . MCY B 1 1 ? -7.791  -11.874 -1.347  1.00 0.00 ? 1 MCY B "H2''" 1 
HETATM 244 H "H3'"  . MCY B 1 1 ? -8.394  -10.788 1.202   1.00 0.00 ? 1 MCY B "H3'"  1 
HETATM 245 H "H4'"  . MCY B 1 1 ? -9.939  -13.227 1.225   1.00 0.00 ? 1 MCY B "H4'"  1 
HETATM 246 H "H5'"  . MCY B 1 1 ? -11.720 -11.694 2.066   1.00 0.00 ? 1 MCY B "H5'"  1 
HETATM 247 H "H5''" . MCY B 1 1 ? -10.170 -11.495 2.907   1.00 0.00 ? 1 MCY B "H5''" 1 
HETATM 248 H "HO5'" . MCY B 1 1 ? -9.782  -9.721  1.427   1.00 0.00 ? 1 MCY B "HO5'" 1 
HETATM 249 H H5A1   . MCY B 1 1 ? -12.035 -7.232  -0.047  1.00 0.00 ? 1 MCY B H5A1   1 
HETATM 250 H H5A2   . MCY B 1 1 ? -13.529 -8.024  -0.602  1.00 0.00 ? 1 MCY B H5A2   1 
HETATM 251 H H5A3   . MCY B 1 1 ? -12.883 -6.627  -1.490  1.00 0.00 ? 1 MCY B H5A3   1 
ATOM   252 P P      . DC  B 1 2 ? -6.441  -12.420 1.972   1.00 0.00 ? 2 DC  B P      1 
ATOM   253 O OP1    . DC  B 1 2 ? -5.324  -13.346 1.677   1.00 0.00 ? 2 DC  B OP1    1 
ATOM   254 O OP2    . DC  B 1 2 ? -7.051  -12.407 3.321   1.00 0.00 ? 2 DC  B OP2    1 
ATOM   255 O "O5'"  . DC  B 1 2 ? -5.961  -10.921 1.621   1.00 0.00 ? 2 DC  B "O5'"  1 
ATOM   256 C "C5'"  . DC  B 1 2 ? -4.685  -10.437 2.061   1.00 0.00 ? 2 DC  B "C5'"  1 
ATOM   257 C "C4'"  . DC  B 1 2 ? -3.713  -10.271 0.893   1.00 0.00 ? 2 DC  B "C4'"  1 
ATOM   258 O "O4'"  . DC  B 1 2 ? -4.395  -9.744  -0.264  1.00 0.00 ? 2 DC  B "O4'"  1 
ATOM   259 C "C3'"  . DC  B 1 2 ? -2.578  -9.321  1.253   1.00 0.00 ? 2 DC  B "C3'"  1 
ATOM   260 O "O3'"  . DC  B 1 2 ? -1.321  -10.008 1.261   1.00 0.00 ? 2 DC  B "O3'"  1 
ATOM   261 C "C2'"  . DC  B 1 2 ? -2.589  -8.240  0.203   1.00 0.00 ? 2 DC  B "C2'"  1 
ATOM   262 C "C1'"  . DC  B 1 2 ? -3.781  -8.513  -0.699  1.00 0.00 ? 2 DC  B "C1'"  1 
ATOM   263 N N1     . DC  B 1 2 ? -4.756  -7.402  -0.653  1.00 0.00 ? 2 DC  B N1     1 
ATOM   264 C C2     . DC  B 1 2 ? -4.860  -6.599  -1.790  1.00 0.00 ? 2 DC  B C2     1 
ATOM   265 O O2     . DC  B 1 2 ? -4.174  -6.775  -2.794  1.00 0.00 ? 2 DC  B O2     1 
ATOM   266 N N3     . DC  B 1 2 ? -5.819  -5.619  -1.740  1.00 0.00 ? 2 DC  B N3     1 
ATOM   267 C C4     . DC  B 1 2 ? -6.638  -5.432  -0.671  1.00 0.00 ? 2 DC  B C4     1 
ATOM   268 N N4     . DC  B 1 2 ? -7.669  -4.632  -0.827  1.00 0.00 ? 2 DC  B N4     1 
ATOM   269 C C5     . DC  B 1 2 ? -6.510  -6.242  0.480   1.00 0.00 ? 2 DC  B C5     1 
ATOM   270 C C6     . DC  B 1 2 ? -5.564  -7.209  0.456   1.00 0.00 ? 2 DC  B C6     1 
ATOM   271 H "H5'"  . DC  B 1 2 ? -4.262  -11.142 2.778   1.00 0.00 ? 2 DC  B "H5'"  1 
ATOM   272 H "H5''" . DC  B 1 2 ? -4.822  -9.473  2.551   1.00 0.00 ? 2 DC  B "H5''" 1 
ATOM   273 H "H4'"  . DC  B 1 2 ? -3.293  -11.245 0.641   1.00 0.00 ? 2 DC  B "H4'"  1 
ATOM   274 H "H3'"  . DC  B 1 2 ? -2.767  -8.878  2.233   1.00 0.00 ? 2 DC  B "H3'"  1 
ATOM   275 H "H2'"  . DC  B 1 2 ? -2.687  -7.260  0.668   1.00 0.00 ? 2 DC  B "H2'"  1 
ATOM   276 H "H2''" . DC  B 1 2 ? -1.670  -8.282  -0.379  1.00 0.00 ? 2 DC  B "H2''" 1 
ATOM   277 H "H1'"  . DC  B 1 2 ? -3.432  -8.635  -1.722  1.00 0.00 ? 2 DC  B "H1'"  1 
ATOM   278 H H41    . DC  B 1 2 ? -8.389  -4.615  -0.124  1.00 0.00 ? 2 DC  B H41    1 
ATOM   279 H H42    . DC  B 1 2 ? -7.714  -4.011  -1.627  1.00 0.00 ? 2 DC  B H42    1 
ATOM   280 H H5     . DC  B 1 2 ? -7.125  -6.058  1.364   1.00 0.00 ? 2 DC  B H5     1 
ATOM   281 H H6     . DC  B 1 2 ? -5.425  -7.828  1.338   1.00 0.00 ? 2 DC  B H6     1 
ATOM   282 H HN3    . DC  B 1 2 ? -5.891  -5.009  -2.528  1.00 0.00 ? 2 DC  B HN3    1 
ATOM   283 P P      . DT  B 1 3 ? -0.131  -9.539  2.240   1.00 0.00 ? 3 DT  B P      1 
ATOM   284 O OP1    . DT  B 1 3 ? 1.142   -10.082 1.714   1.00 0.00 ? 3 DT  B OP1    1 
ATOM   285 O OP2    . DT  B 1 3 ? -0.536  -9.832  3.633   1.00 0.00 ? 3 DT  B OP2    1 
ATOM   286 O "O5'"  . DT  B 1 3 ? -0.119  -7.939  2.047   1.00 0.00 ? 3 DT  B "O5'"  1 
ATOM   287 C "C5'"  . DT  B 1 3 ? 0.654   -7.331  1.007   1.00 0.00 ? 3 DT  B "C5'"  1 
ATOM   288 C "C4'"  . DT  B 1 3 ? 1.033   -5.895  1.358   1.00 0.00 ? 3 DT  B "C4'"  1 
ATOM   289 O "O4'"  . DT  B 1 3 ? -0.105  -5.181  1.885   1.00 0.00 ? 3 DT  B "O4'"  1 
ATOM   290 C "C3'"  . DT  B 1 3 ? 2.142   -5.868  2.404   1.00 0.00 ? 3 DT  B "C3'"  1 
ATOM   291 O "O3'"  . DT  B 1 3 ? 3.302   -5.191  1.899   1.00 0.00 ? 3 DT  B "O3'"  1 
ATOM   292 C "C2'"  . DT  B 1 3 ? 1.571   -5.138  3.593   1.00 0.00 ? 3 DT  B "C2'"  1 
ATOM   293 C "C1'"  . DT  B 1 3 ? 0.209   -4.613  3.175   1.00 0.00 ? 3 DT  B "C1'"  1 
ATOM   294 N N1     . DT  B 1 3 ? -0.832  -4.957  4.167   1.00 0.00 ? 3 DT  B N1     1 
ATOM   295 C C2     . DT  B 1 3 ? -1.336  -3.927  4.944   1.00 0.00 ? 3 DT  B C2     1 
ATOM   296 O O2     . DT  B 1 3 ? -0.916  -2.774  4.858   1.00 0.00 ? 3 DT  B O2     1 
ATOM   297 N N3     . DT  B 1 3 ? -2.339  -4.270  5.830   1.00 0.00 ? 3 DT  B N3     1 
ATOM   298 C C4     . DT  B 1 3 ? -2.870  -5.536  6.012   1.00 0.00 ? 3 DT  B C4     1 
ATOM   299 O O4     . DT  B 1 3 ? -3.761  -5.728  6.835   1.00 0.00 ? 3 DT  B O4     1 
ATOM   300 C C5     . DT  B 1 3 ? -2.279  -6.548  5.162   1.00 0.00 ? 3 DT  B C5     1 
ATOM   301 C C7     . DT  B 1 3 ? -2.771  -7.991  5.255   1.00 0.00 ? 3 DT  B C7     1 
ATOM   302 C C6     . DT  B 1 3 ? -1.302  -6.237  4.287   1.00 0.00 ? 3 DT  B C6     1 
ATOM   303 H "H5'"  . DT  B 1 3 ? 0.073   -7.329  0.085   1.00 0.00 ? 3 DT  B "H5'"  1 
ATOM   304 H "H5''" . DT  B 1 3 ? 1.564   -7.911  0.853   1.00 0.00 ? 3 DT  B "H5''" 1 
ATOM   305 H "H4'"  . DT  B 1 3 ? 1.382   -5.389  0.457   1.00 0.00 ? 3 DT  B "H4'"  1 
ATOM   306 H "H3'"  . DT  B 1 3 ? 2.400   -6.889  2.691   1.00 0.00 ? 3 DT  B "H3'"  1 
ATOM   307 H "H2'"  . DT  B 1 3 ? 1.465   -5.824  4.434   1.00 0.00 ? 3 DT  B "H2'"  1 
ATOM   308 H "H2''" . DT  B 1 3 ? 2.222   -4.309  3.869   1.00 0.00 ? 3 DT  B "H2''" 1 
ATOM   309 H "H1'"  . DT  B 1 3 ? 0.262   -3.530  3.079   1.00 0.00 ? 3 DT  B "H1'"  1 
ATOM   310 H H3     . DT  B 1 3 ? -2.733  -3.524  6.383   1.00 0.00 ? 3 DT  B H3     1 
ATOM   311 H H71    . DT  B 1 3 ? -3.614  -8.045  5.945   1.00 0.00 ? 3 DT  B H71    1 
ATOM   312 H H72    . DT  B 1 3 ? -1.964  -8.628  5.617   1.00 0.00 ? 3 DT  B H72    1 
ATOM   313 H H73    . DT  B 1 3 ? -3.087  -8.330  4.269   1.00 0.00 ? 3 DT  B H73    1 
ATOM   314 H H6     . DT  B 1 3 ? -0.876  -7.021  3.660   1.00 0.00 ? 3 DT  B H6     1 
ATOM   315 P P      . DC  B 1 4 ? 4.280   -5.900  0.830   1.00 0.00 ? 4 DC  B P      1 
ATOM   316 O OP1    . DC  B 1 4 ? 3.451   -6.689  -0.109  1.00 0.00 ? 4 DC  B OP1    1 
ATOM   317 O OP2    . DC  B 1 4 ? 5.378   -6.556  1.573   1.00 0.00 ? 4 DC  B OP2    1 
ATOM   318 O "O5'"  . DC  B 1 4 ? 4.893   -4.645  0.027   1.00 0.00 ? 4 DC  B "O5'"  1 
ATOM   319 C "C5'"  . DC  B 1 4 ? 5.478   -4.823  -1.269  1.00 0.00 ? 4 DC  B "C5'"  1 
ATOM   320 C "C4'"  . DC  B 1 4 ? 5.500   -3.520  -2.066  1.00 0.00 ? 4 DC  B "C4'"  1 
ATOM   321 O "O4'"  . DC  B 1 4 ? 4.167   -2.981  -2.200  1.00 0.00 ? 4 DC  B "O4'"  1 
ATOM   322 C "C3'"  . DC  B 1 4 ? 6.374   -2.476  -1.381  1.00 0.00 ? 4 DC  B "C3'"  1 
ATOM   323 O "O3'"  . DC  B 1 4 ? 7.507   -2.142  -2.191  1.00 0.00 ? 4 DC  B "O3'"  1 
ATOM   324 C "C2'"  . DC  B 1 4 ? 5.495   -1.271  -1.171  1.00 0.00 ? 4 DC  B "C2'"  1 
ATOM   325 C "C1'"  . DC  B 1 4 ? 4.110   -1.634  -1.686  1.00 0.00 ? 4 DC  B "C1'"  1 
ATOM   326 N N1     . DC  B 1 4 ? 3.103   -1.529  -0.611  1.00 0.00 ? 4 DC  B N1     1 
ATOM   327 C C2     . DC  B 1 4 ? 2.025   -0.664  -0.820  1.00 0.00 ? 4 DC  B C2     1 
ATOM   328 O O2     . DC  B 1 4 ? 1.900   0.006   -1.844  1.00 0.00 ? 4 DC  B O2     1 
ATOM   329 N N3     . DC  B 1 4 ? 1.102   -0.601  0.203   1.00 0.00 ? 4 DC  B N3     1 
ATOM   330 C C4     . DC  B 1 4 ? 1.223   -1.321  1.352   1.00 0.00 ? 4 DC  B C4     1 
ATOM   331 N N4     . DC  B 1 4 ? 0.290   -1.160  2.278   1.00 0.00 ? 4 DC  B N4     1 
ATOM   332 C C5     . DC  B 1 4 ? 2.324   -2.196  1.543   1.00 0.00 ? 4 DC  B C5     1 
ATOM   333 C C6     . DC  B 1 4 ? 3.235   -2.271  0.547   1.00 0.00 ? 4 DC  B C6     1 
ATOM   334 H "H5'"  . DC  B 1 4 ? 4.901   -5.565  -1.819  1.00 0.00 ? 4 DC  B "H5'"  1 
ATOM   335 H "H5''" . DC  B 1 4 ? 6.499   -5.185  -1.150  1.00 0.00 ? 4 DC  B "H5''" 1 
ATOM   336 H "H4'"  . DC  B 1 4 ? 5.901   -3.721  -3.059  1.00 0.00 ? 4 DC  B "H4'"  1 
ATOM   337 H "H3'"  . DC  B 1 4 ? 6.708   -2.855  -0.411  1.00 0.00 ? 4 DC  B "H3'"  1 
ATOM   338 H "H2'"  . DC  B 1 4 ? 5.446   -1.025  -0.110  1.00 0.00 ? 4 DC  B "H2'"  1 
ATOM   339 H "H2''" . DC  B 1 4 ? 5.889   -0.422  -1.731  1.00 0.00 ? 4 DC  B "H2''" 1 
ATOM   340 H "H1'"  . DC  B 1 4 ? 3.840   -0.956  -2.493  1.00 0.00 ? 4 DC  B "H1'"  1 
ATOM   341 H H41    . DC  B 1 4 ? 0.348   -1.670  3.142   1.00 0.00 ? 4 DC  B H41    1 
ATOM   342 H H42    . DC  B 1 4 ? -0.464  -0.504  2.125   1.00 0.00 ? 4 DC  B H42    1 
ATOM   343 H H5     . DC  B 1 4 ? 2.431   -2.784  2.454   1.00 0.00 ? 4 DC  B H5     1 
ATOM   344 H H6     . DC  B 1 4 ? 4.097   -2.927  0.665   1.00 0.00 ? 4 DC  B H6     1 
ATOM   345 H HN3    . DC  B 1 4 ? 0.309   0.001   0.072   1.00 0.00 ? 4 DC  B HN3    1 
ATOM   346 P P      . DT  B 1 5 ? 8.689   -3.207  -2.440  1.00 0.00 ? 5 DT  B P      1 
ATOM   347 O OP1    . DT  B 1 5 ? 8.338   -4.014  -3.631  1.00 0.00 ? 5 DT  B OP1    1 
ATOM   348 O OP2    . DT  B 1 5 ? 8.987   -3.882  -1.157  1.00 0.00 ? 5 DT  B OP2    1 
ATOM   349 O "O5'"  . DT  B 1 5 ? 9.937   -2.262  -2.823  1.00 0.00 ? 5 DT  B "O5'"  1 
ATOM   350 C "C5'"  . DT  B 1 5 ? 10.929  -1.924  -1.849  1.00 0.00 ? 5 DT  B "C5'"  1 
ATOM   351 C "C4'"  . DT  B 1 5 ? 10.583  -0.628  -1.118  1.00 0.00 ? 5 DT  B "C4'"  1 
ATOM   352 O "O4'"  . DT  B 1 5 ? 9.447   -0.820  -0.247  1.00 0.00 ? 5 DT  B "O4'"  1 
ATOM   353 C "C3'"  . DT  B 1 5 ? 11.760  -0.158  -0.274  1.00 0.00 ? 5 DT  B "C3'"  1 
ATOM   354 O "O3'"  . DT  B 1 5 ? 12.167  1.161   -0.657  1.00 0.00 ? 5 DT  B "O3'"  1 
ATOM   355 C "C2'"  . DT  B 1 5 ? 11.280  -0.173  1.153   1.00 0.00 ? 5 DT  B "C2'"  1 
ATOM   356 C "C1'"  . DT  B 1 5 ? 9.795   -0.491  1.116   1.00 0.00 ? 5 DT  B "C1'"  1 
ATOM   357 N N1     . DT  B 1 5 ? 9.475   -1.608  2.031   1.00 0.00 ? 5 DT  B N1     1 
ATOM   358 C C2     . DT  B 1 5 ? 9.152   -1.292  3.340   1.00 0.00 ? 5 DT  B C2     1 
ATOM   359 O O2     . DT  B 1 5 ? 9.145   -0.134  3.754   1.00 0.00 ? 5 DT  B O2     1 
ATOM   360 N N3     . DT  B 1 5 ? 8.848   -2.361  4.163   1.00 0.00 ? 5 DT  B N3     1 
ATOM   361 C C4     . DT  B 1 5 ? 8.838   -3.696  3.799   1.00 0.00 ? 5 DT  B C4     1 
ATOM   362 O O4     . DT  B 1 5 ? 8.549   -4.566  4.617   1.00 0.00 ? 5 DT  B O4     1 
ATOM   363 C C5     . DT  B 1 5 ? 9.188   -3.929  2.414   1.00 0.00 ? 5 DT  B C5     1 
ATOM   364 C C7     . DT  B 1 5 ? 9.211   -5.357  1.874   1.00 0.00 ? 5 DT  B C7     1 
ATOM   365 C C6     . DT  B 1 5 ? 9.491   -2.905  1.592   1.00 0.00 ? 5 DT  B C6     1 
ATOM   366 H "H5'"  . DT  B 1 5 ? 11.890  -1.804  -2.348  1.00 0.00 ? 5 DT  B "H5'"  1 
ATOM   367 H "H5''" . DT  B 1 5 ? 11.006  -2.732  -1.122  1.00 0.00 ? 5 DT  B "H5''" 1 
ATOM   368 H "H4'"  . DT  B 1 5 ? 10.342  0.141   -1.853  1.00 0.00 ? 5 DT  B "H4'"  1 
ATOM   369 H "H3'"  . DT  B 1 5 ? 12.592  -0.855  -0.385  1.00 0.00 ? 5 DT  B "H3'"  1 
ATOM   370 H "H2'"  . DT  B 1 5 ? 11.811  -0.941  1.715   1.00 0.00 ? 5 DT  B "H2'"  1 
ATOM   371 H "H2''" . DT  B 1 5 ? 11.442  0.802   1.611   1.00 0.00 ? 5 DT  B "H2''" 1 
ATOM   372 H "H1'"  . DT  B 1 5 ? 9.234   0.392   1.421   1.00 0.00 ? 5 DT  B "H1'"  1 
ATOM   373 H H3     . DT  B 1 5 ? 8.610   -2.147  5.122   1.00 0.00 ? 5 DT  B H3     1 
ATOM   374 H H71    . DT  B 1 5 ? 8.422   -5.476  1.132   1.00 0.00 ? 5 DT  B H71    1 
ATOM   375 H H72    . DT  B 1 5 ? 9.049   -6.059  2.691   1.00 0.00 ? 5 DT  B H72    1 
ATOM   376 H H73    . DT  B 1 5 ? 10.178  -5.555  1.411   1.00 0.00 ? 5 DT  B H73    1 
ATOM   377 H H6     . DT  B 1 5 ? 9.762   -3.112  0.557   1.00 0.00 ? 5 DT  B H6     1 
ATOM   378 P P      . DC  B 1 6 ? 13.130  1.396   -1.926  1.00 0.00 ? 6 DC  B P      1 
ATOM   379 O OP1    . DC  B 1 6 ? 12.734  0.450   -2.995  1.00 0.00 ? 6 DC  B OP1    1 
ATOM   380 O OP2    . DC  B 1 6 ? 14.529  1.423   -1.446  1.00 0.00 ? 6 DC  B OP2    1 
ATOM   381 O "O5'"  . DC  B 1 6 ? 12.730  2.885   -2.395  1.00 0.00 ? 6 DC  B "O5'"  1 
ATOM   382 C "C5'"  . DC  B 1 6 ? 11.574  3.111   -3.211  1.00 0.00 ? 6 DC  B "C5'"  1 
ATOM   383 C "C4'"  . DC  B 1 6 ? 11.159  4.584   -3.221  1.00 0.00 ? 6 DC  B "C4'"  1 
ATOM   384 O "O4'"  . DC  B 1 6 ? 10.005  4.794   -2.378  1.00 0.00 ? 6 DC  B "O4'"  1 
ATOM   385 C "C3'"  . DC  B 1 6 ? 12.286  5.474   -2.719  1.00 0.00 ? 6 DC  B "C3'"  1 
ATOM   386 O "O3'"  . DC  B 1 6 ? 12.793  6.309   -3.767  1.00 0.00 ? 6 DC  B "O3'"  1 
ATOM   387 C "C2'"  . DC  B 1 6 ? 11.700  6.302   -1.607  1.00 0.00 ? 6 DC  B "C2'"  1 
ATOM   388 C "C1'"  . DC  B 1 6 ? 10.278  5.813   -1.390  1.00 0.00 ? 6 DC  B "C1'"  1 
ATOM   389 N N1     . DC  B 1 6 ? 10.115  5.281   -0.020  1.00 0.00 ? 6 DC  B N1     1 
ATOM   390 C C2     . DC  B 1 6 ? 9.766   6.190   0.979   1.00 0.00 ? 6 DC  B C2     1 
ATOM   391 O O2     . DC  B 1 6 ? 9.590   7.385   0.751   1.00 0.00 ? 6 DC  B O2     1 
ATOM   392 N N3     . DC  B 1 6 ? 9.622   5.666   2.247   1.00 0.00 ? 6 DC  B N3     1 
ATOM   393 C C4     . DC  B 1 6 ? 9.802   4.345   2.530   1.00 0.00 ? 6 DC  B C4     1 
ATOM   394 N N4     . DC  B 1 6 ? 9.622   3.948   3.789   1.00 0.00 ? 6 DC  B N4     1 
ATOM   395 C C5     . DC  B 1 6 ? 10.159  3.434   1.496   1.00 0.00 ? 6 DC  B C5     1 
ATOM   396 C C6     . DC  B 1 6 ? 10.304  3.937   0.245   1.00 0.00 ? 6 DC  B C6     1 
ATOM   397 H "H5'"  . DC  B 1 6 ? 10.746  2.514   -2.829  1.00 0.00 ? 6 DC  B "H5'"  1 
ATOM   398 H "H5''" . DC  B 1 6 ? 11.794  2.798   -4.233  1.00 0.00 ? 6 DC  B "H5''" 1 
ATOM   399 H "H4'"  . DC  B 1 6 ? 10.906  4.873   -4.242  1.00 0.00 ? 6 DC  B "H4'"  1 
ATOM   400 H "H3'"  . DC  B 1 6 ? 13.088  4.851   -2.317  1.00 0.00 ? 6 DC  B "H3'"  1 
ATOM   401 H "H2'"  . DC  B 1 6 ? 12.283  6.169   -0.699  1.00 0.00 ? 6 DC  B "H2'"  1 
ATOM   402 H "H2''" . DC  B 1 6 ? 11.690  7.355   -1.893  1.00 0.00 ? 6 DC  B "H2''" 1 
ATOM   403 H "H1'"  . DC  B 1 6 ? 9.588   6.644   -1.534  1.00 0.00 ? 6 DC  B "H1'"  1 
ATOM   404 H H41    . DC  B 1 6 ? 9.738   2.979   4.030   1.00 0.00 ? 6 DC  B H41    1 
ATOM   405 H H42    . DC  B 1 6 ? 9.368   4.618   4.499   1.00 0.00 ? 6 DC  B H42    1 
ATOM   406 H H5     . DC  B 1 6 ? 10.310  2.377   1.701   1.00 0.00 ? 6 DC  B H5     1 
ATOM   407 H H6     . DC  B 1 6 ? 10.581  3.266   -0.569  1.00 0.00 ? 6 DC  B H6     1 
ATOM   408 H HN3    . DC  B 1 6 ? 9.377   6.309   2.985   1.00 0.00 ? 6 DC  B HN3    1 
ATOM   409 P P      . DC  B 1 7 ? 14.286  6.910   -3.693  1.00 0.00 ? 7 DC  B P      1 
ATOM   410 O OP1    . DC  B 1 7 ? 14.299  8.204   -4.413  1.00 0.00 ? 7 DC  B OP1    1 
ATOM   411 O OP2    . DC  B 1 7 ? 15.235  5.842   -4.080  1.00 0.00 ? 7 DC  B OP2    1 
ATOM   412 O "O5'"  . DC  B 1 7 ? 14.477  7.208   -2.121  1.00 0.00 ? 7 DC  B "O5'"  1 
ATOM   413 C "C5'"  . DC  B 1 7 ? 15.617  7.932   -1.646  1.00 0.00 ? 7 DC  B "C5'"  1 
ATOM   414 C "C4'"  . DC  B 1 7 ? 15.273  9.392   -1.356  1.00 0.00 ? 7 DC  B "C4'"  1 
ATOM   415 O "O4'"  . DC  B 1 7 ? 14.388  9.493   -0.219  1.00 0.00 ? 7 DC  B "O4'"  1 
ATOM   416 C "C3'"  . DC  B 1 7 ? 16.531  10.196  -1.057  1.00 0.00 ? 7 DC  B "C3'"  1 
ATOM   417 O "O3'"  . DC  B 1 7 ? 16.777  11.160  -2.085  1.00 0.00 ? 7 DC  B "O3'"  1 
ATOM   418 C "C2'"  . DC  B 1 7 ? 16.287  10.873  0.268   1.00 0.00 ? 7 DC  B "C2'"  1 
ATOM   419 C "C1'"  . DC  B 1 7 ? 14.924  10.412  0.759   1.00 0.00 ? 7 DC  B "C1'"  1 
ATOM   420 N N1     . DC  B 1 7 ? 15.033  9.767   2.087   1.00 0.00 ? 7 DC  B N1     1 
ATOM   421 C C2     . DC  B 1 7 ? 14.453  10.432  3.169   1.00 0.00 ? 7 DC  B C2     1 
ATOM   422 O O2     . DC  B 1 7 ? 13.856  11.501  3.045   1.00 0.00 ? 7 DC  B O2     1 
ATOM   423 N N3     . DC  B 1 7 ? 14.582  9.814   4.395   1.00 0.00 ? 7 DC  B N3     1 
ATOM   424 C C4     . DC  B 1 7 ? 15.230  8.625   4.565   1.00 0.00 ? 7 DC  B C4     1 
ATOM   425 N N4     . DC  B 1 7 ? 15.291  8.122   5.798   1.00 0.00 ? 7 DC  B N4     1 
ATOM   426 C C5     . DC  B 1 7 ? 15.813  7.961   3.449   1.00 0.00 ? 7 DC  B C5     1 
ATOM   427 C C6     . DC  B 1 7 ? 15.694  8.561   2.235   1.00 0.00 ? 7 DC  B C6     1 
ATOM   428 H "H5'"  . DC  B 1 7 ? 16.403  7.895   -2.400  1.00 0.00 ? 7 DC  B "H5'"  1 
ATOM   429 H "H5''" . DC  B 1 7 ? 15.980  7.464   -0.731  1.00 0.00 ? 7 DC  B "H5''" 1 
ATOM   430 H "H4'"  . DC  B 1 7 ? 14.778  9.819   -2.228  1.00 0.00 ? 7 DC  B "H4'"  1 
ATOM   431 H "H3'"  . DC  B 1 7 ? 17.384  9.521   -0.967  1.00 0.00 ? 7 DC  B "H3'"  1 
ATOM   432 H "HO3'" . DC  B 1 7 ? 17.650  10.977  -2.443  1.00 0.00 ? 7 DC  B "HO3'" 1 
ATOM   433 H "H2'"  . DC  B 1 7 ? 17.058  10.581  0.981   1.00 0.00 ? 7 DC  B "H2'"  1 
ATOM   434 H "H2''" . DC  B 1 7 ? 16.290  11.954  0.139   1.00 0.00 ? 7 DC  B "H2''" 1 
ATOM   435 H "H1'"  . DC  B 1 7 ? 14.262  11.275  0.836   1.00 0.00 ? 7 DC  B "H1'"  1 
ATOM   436 H H41    . DC  B 1 7 ? 15.762  7.244   5.963   1.00 0.00 ? 7 DC  B H41    1 
ATOM   437 H H42    . DC  B 1 7 ? 14.858  8.616   6.566   1.00 0.00 ? 7 DC  B H42    1 
ATOM   438 H H5     . DC  B 1 7 ? 16.323  7.004   3.563   1.00 0.00 ? 7 DC  B H5     1 
ATOM   439 H H6     . DC  B 1 7 ? 16.130  8.081   1.360   1.00 0.00 ? 7 DC  B H6     1 
ATOM   440 H HN3    . DC  B 1 7 ? 14.170  10.281  5.189   1.00 0.00 ? 7 DC  B HN3    1 
HETATM 441 N N1     . MCY C 1 1 ? 10.958  10.312  1.325   1.00 0.00 ? 1 MCY C N1     1 
HETATM 442 C C2     . MCY C 1 1 ? 11.538  9.267   2.012   1.00 0.00 ? 1 MCY C C2     1 
HETATM 443 N N3     . MCY C 1 1 ? 11.226  9.132   3.325   1.00 0.00 ? 1 MCY C N3     1 
HETATM 444 C C4     . MCY C 1 1 ? 10.384  9.981   3.941   1.00 0.00 ? 1 MCY C C4     1 
HETATM 445 C C5     . MCY C 1 1 ? 9.827   11.003  3.257   1.00 0.00 ? 1 MCY C C5     1 
HETATM 446 C C6     . MCY C 1 1 ? 10.113  11.168  1.957   1.00 0.00 ? 1 MCY C C6     1 
HETATM 447 O O2     . MCY C 1 1 ? 12.306  8.492   1.446   1.00 0.00 ? 1 MCY C O2     1 
HETATM 448 N N4     . MCY C 1 1 ? 10.098  9.796   5.228   1.00 0.00 ? 1 MCY C N4     1 
HETATM 449 C "C1'"  . MCY C 1 1 ? 11.257  10.451  -0.117  1.00 0.00 ? 1 MCY C "C1'"  1 
HETATM 450 C "C2'"  . MCY C 1 1 ? 9.992   10.268  -0.938  1.00 0.00 ? 1 MCY C "C2'"  1 
HETATM 451 C "C3'"  . MCY C 1 1 ? 9.710   11.586  -1.608  1.00 0.00 ? 1 MCY C "C3'"  1 
HETATM 452 C "C4'"  . MCY C 1 1 ? 10.930  12.460  -1.340  1.00 0.00 ? 1 MCY C "C4'"  1 
HETATM 453 O "O4'"  . MCY C 1 1 ? 11.787  11.762  -0.408  1.00 0.00 ? 1 MCY C "O4'"  1 
HETATM 454 O "O3'"  . MCY C 1 1 ? 9.493   11.410  -3.012  1.00 0.00 ? 1 MCY C "O3'"  1 
HETATM 455 C "C5'"  . MCY C 1 1 ? 10.515  13.819  -0.780  1.00 0.00 ? 1 MCY C "C5'"  1 
HETATM 456 O "O5'"  . MCY C 1 1 ? 9.679   13.683  0.372   1.00 0.00 ? 1 MCY C "O5'"  1 
HETATM 457 C C5A    . MCY C 1 1 ? 8.875   11.971  3.957   1.00 0.00 ? 1 MCY C C5A    1 
HETATM 458 H H6     . MCY C 1 1 ? 9.664   11.994  1.404   1.00 0.00 ? 1 MCY C H6     1 
HETATM 459 H HN41   . MCY C 1 1 ? 9.462   10.421  5.702   1.00 0.00 ? 1 MCY C HN41   1 
HETATM 460 H HN42   . MCY C 1 1 ? 10.514  9.023   5.725   1.00 0.00 ? 1 MCY C HN42   1 
HETATM 461 H "H1'"  . MCY C 1 1 ? 11.987  9.697   -0.405  1.00 0.00 ? 1 MCY C "H1'"  1 
HETATM 462 H "H2'"  . MCY C 1 1 ? 9.160   9.995   -0.289  1.00 0.00 ? 1 MCY C "H2'"  1 
HETATM 463 H "H2''" . MCY C 1 1 ? 10.146  9.494   -1.690  1.00 0.00 ? 1 MCY C "H2''" 1 
HETATM 464 H "H3'"  . MCY C 1 1 ? 8.829   12.042  -1.151  1.00 0.00 ? 1 MCY C "H3'"  1 
HETATM 465 H "H4'"  . MCY C 1 1 ? 11.471  12.610  -2.273  1.00 0.00 ? 1 MCY C "H4'"  1 
HETATM 466 H "H5'"  . MCY C 1 1 ? 11.410  14.377  -0.506  1.00 0.00 ? 1 MCY C "H5'"  1 
HETATM 467 H "H5''" . MCY C 1 1 ? 9.974   14.370  -1.549  1.00 0.00 ? 1 MCY C "H5''" 1 
HETATM 468 H "HO5'" . MCY C 1 1 ? 8.934   13.135  0.120   1.00 0.00 ? 1 MCY C "HO5'" 1 
HETATM 469 H H5A1   . MCY C 1 1 ? 7.856   11.587  3.893   1.00 0.00 ? 1 MCY C H5A1   1 
HETATM 470 H H5A2   . MCY C 1 1 ? 8.926   12.947  3.474   1.00 0.00 ? 1 MCY C H5A2   1 
HETATM 471 H H5A3   . MCY C 1 1 ? 9.159   12.071  5.004   1.00 0.00 ? 1 MCY C H5A3   1 
ATOM   472 P P      . DC  C 1 2 ? 8.039   10.984  -3.569  1.00 0.00 ? 2 DC  C P      1 
ATOM   473 O OP1    . DC  C 1 2 ? 8.215   9.833   -4.482  1.00 0.00 ? 2 DC  C OP1    1 
ATOM   474 O OP2    . DC  C 1 2 ? 7.351   12.204  -4.047  1.00 0.00 ? 2 DC  C OP2    1 
ATOM   475 O "O5'"  . DC  C 1 2 ? 7.283   10.465  -2.240  1.00 0.00 ? 2 DC  C "O5'"  1 
ATOM   476 C "C5'"  . DC  C 1 2 ? 6.045   9.747   -2.328  1.00 0.00 ? 2 DC  C "C5'"  1 
ATOM   477 C "C4'"  . DC  C 1 2 ? 6.254   8.337   -2.880  1.00 0.00 ? 2 DC  C "C4'"  1 
ATOM   478 O "O4'"  . DC  C 1 2 ? 6.665   7.430   -1.833  1.00 0.00 ? 2 DC  C "O4'"  1 
ATOM   479 C "C3'"  . DC  C 1 2 ? 4.973   7.800   -3.502  1.00 0.00 ? 2 DC  C "C3'"  1 
ATOM   480 O "O3'"  . DC  C 1 2 ? 5.107   7.690   -4.926  1.00 0.00 ? 2 DC  C "O3'"  1 
ATOM   481 C "C2'"  . DC  C 1 2 ? 4.743   6.456   -2.872  1.00 0.00 ? 2 DC  C "C2'"  1 
ATOM   482 C "C1'"  . DC  C 1 2 ? 5.796   6.278   -1.792  1.00 0.00 ? 2 DC  C "C1'"  1 
ATOM   483 N N1     . DC  C 1 2 ? 5.173   6.139   -0.453  1.00 0.00 ? 2 DC  C N1     1 
ATOM   484 C C2     . DC  C 1 2 ? 5.708   5.192   0.413   1.00 0.00 ? 2 DC  C C2     1 
ATOM   485 O O2     . DC  C 1 2 ? 6.659   4.496   0.064   1.00 0.00 ? 2 DC  C O2     1 
ATOM   486 N N3     . DC  C 1 2 ? 5.148   5.059   1.646   1.00 0.00 ? 2 DC  C N3     1 
ATOM   487 C C4     . DC  C 1 2 ? 4.108   5.815   2.019   1.00 0.00 ? 2 DC  C C4     1 
ATOM   488 N N4     . DC  C 1 2 ? 3.616   5.695   3.253   1.00 0.00 ? 2 DC  C N4     1 
ATOM   489 C C5     . DC  C 1 2 ? 3.553   6.780   1.132   1.00 0.00 ? 2 DC  C C5     1 
ATOM   490 C C6     . DC  C 1 2 ? 4.111   6.915   -0.084  1.00 0.00 ? 2 DC  C C6     1 
ATOM   491 H "H5'"  . DC  C 1 2 ? 5.365   10.290  -2.984  1.00 0.00 ? 2 DC  C "H5'"  1 
ATOM   492 H "H5''" . DC  C 1 2 ? 5.603   9.677   -1.335  1.00 0.00 ? 2 DC  C "H5''" 1 
ATOM   493 H "H4'"  . DC  C 1 2 ? 7.030   8.368   -3.644  1.00 0.00 ? 2 DC  C "H4'"  1 
ATOM   494 H "H3'"  . DC  C 1 2 ? 4.134   8.457   -3.254  1.00 0.00 ? 2 DC  C "H3'"  1 
ATOM   495 H "H2'"  . DC  C 1 2 ? 3.750   6.422   -2.435  1.00 0.00 ? 2 DC  C "H2'"  1 
ATOM   496 H "H2''" . DC  C 1 2 ? 4.849   5.673   -3.622  1.00 0.00 ? 2 DC  C "H2''" 1 
ATOM   497 H "H1'"  . DC  C 1 2 ? 6.373   5.381   -2.010  1.00 0.00 ? 2 DC  C "H1'"  1 
ATOM   498 H H41    . DC  C 1 2 ? 3.993   4.995   3.876   1.00 0.00 ? 2 DC  C H41    1 
ATOM   499 H H42    . DC  C 1 2 ? 2.856   6.293   3.560   1.00 0.00 ? 2 DC  C H42    1 
ATOM   500 H H5     . DC  C 1 2 ? 2.677   7.350   1.413   1.00 0.00 ? 2 DC  C H5     1 
ATOM   501 H H6     . DC  C 1 2 ? 3.715   7.655   -0.778  1.00 0.00 ? 2 DC  C H6     1 
ATOM   502 P P      . DT  C 1 3 ? 3.916   7.094   -5.836  1.00 0.00 ? 3 DT  C P      1 
ATOM   503 O OP1    . DT  C 1 3 ? 3.830   7.904   -7.072  1.00 0.00 ? 3 DT  C OP1    1 
ATOM   504 O OP2    . DT  C 1 3 ? 2.716   6.919   -4.985  1.00 0.00 ? 3 DT  C OP2    1 
ATOM   505 O "O5'"  . DT  C 1 3 ? 4.478   5.636   -6.230  1.00 0.00 ? 3 DT  C "O5'"  1 
ATOM   506 C "C5'"  . DT  C 1 3 ? 3.661   4.469   -6.094  1.00 0.00 ? 3 DT  C "C5'"  1 
ATOM   507 C "C4'"  . DT  C 1 3 ? 4.467   3.277   -5.586  1.00 0.00 ? 3 DT  C "C4'"  1 
ATOM   508 O "O4'"  . DT  C 1 3 ? 5.014   3.549   -4.275  1.00 0.00 ? 3 DT  C "O4'"  1 
ATOM   509 C "C3'"  . DT  C 1 3 ? 3.596   2.033   -5.492  1.00 0.00 ? 3 DT  C "C3'"  1 
ATOM   510 O "O3'"  . DT  C 1 3 ? 3.976   1.063   -6.476  1.00 0.00 ? 3 DT  C "O3'"  1 
ATOM   511 C "C2'"  . DT  C 1 3 ? 3.794   1.493   -4.100  1.00 0.00 ? 3 DT  C "C2'"  1 
ATOM   512 C "C1'"  . DT  C 1 3 ? 4.657   2.497   -3.350  1.00 0.00 ? 3 DT  C "C1'"  1 
ATOM   513 N N1     . DT  C 1 3 ? 3.926   3.041   -2.184  1.00 0.00 ? 3 DT  C N1     1 
ATOM   514 C C2     . DT  C 1 3 ? 4.143   2.448   -0.952  1.00 0.00 ? 3 DT  C C2     1 
ATOM   515 O O2     . DT  C 1 3 ? 4.948   1.533   -0.795  1.00 0.00 ? 3 DT  C O2     1 
ATOM   516 N N3     . DT  C 1 3 ? 3.404   2.952   0.103   1.00 0.00 ? 3 DT  C N3     1 
ATOM   517 C C4     . DT  C 1 3 ? 2.481   3.974   0.037   1.00 0.00 ? 3 DT  C C4     1 
ATOM   518 O O4     . DT  C 1 3 ? 1.861   4.316   1.043   1.00 0.00 ? 3 DT  C O4     1 
ATOM   519 C C5     . DT  C 1 3 ? 2.324   4.542   -1.286  1.00 0.00 ? 3 DT  C C5     1 
ATOM   520 C C7     . DT  C 1 3 ? 1.342   5.694   -1.499  1.00 0.00 ? 3 DT  C C7     1 
ATOM   521 C C6     . DT  C 1 3 ? 3.037   4.069   -2.333  1.00 0.00 ? 3 DT  C C6     1 
ATOM   522 H "H5'"  . DT  C 1 3 ? 3.233   4.220   -7.066  1.00 0.00 ? 3 DT  C "H5'"  1 
ATOM   523 H "H5''" . DT  C 1 3 ? 2.852   4.677   -5.393  1.00 0.00 ? 3 DT  C "H5''" 1 
ATOM   524 H "H4'"  . DT  C 1 3 ? 5.288   3.085   -6.277  1.00 0.00 ? 3 DT  C "H4'"  1 
ATOM   525 H "H3'"  . DT  C 1 3 ? 2.548   2.310   -5.627  1.00 0.00 ? 3 DT  C "H3'"  1 
ATOM   526 H "H2'"  . DT  C 1 3 ? 2.830   1.384   -3.602  1.00 0.00 ? 3 DT  C "H2'"  1 
ATOM   527 H "H2''" . DT  C 1 3 ? 4.300   0.530   -4.148  1.00 0.00 ? 3 DT  C "H2''" 1 
ATOM   528 H "H1'"  . DT  C 1 3 ? 5.565   2.003   -3.004  1.00 0.00 ? 3 DT  C "H1'"  1 
ATOM   529 H H3     . DT  C 1 3 ? 3.568   2.547   1.011   1.00 0.00 ? 3 DT  C H3     1 
ATOM   530 H H71    . DT  C 1 3 ? 1.892   6.601   -1.746  1.00 0.00 ? 3 DT  C H71    1 
ATOM   531 H H72    . DT  C 1 3 ? 0.767   5.856   -0.588  1.00 0.00 ? 3 DT  C H72    1 
ATOM   532 H H73    . DT  C 1 3 ? 0.664   5.447   -2.317  1.00 0.00 ? 3 DT  C H73    1 
ATOM   533 H H6     . DT  C 1 3 ? 2.925   4.536   -3.313  1.00 0.00 ? 3 DT  C H6     1 
ATOM   534 P P      . DC  C 1 4 ? 2.981   0.686   -7.687  1.00 0.00 ? 4 DC  C P      1 
ATOM   535 O OP1    . DC  C 1 4 ? 3.640   -0.344  -8.523  1.00 0.00 ? 4 DC  C OP1    1 
ATOM   536 O OP2    . DC  C 1 4 ? 2.506   1.944   -8.305  1.00 0.00 ? 4 DC  C OP2    1 
ATOM   537 O "O5'"  . DC  C 1 4 ? 1.735   0.001   -6.922  1.00 0.00 ? 4 DC  C "O5'"  1 
ATOM   538 C "C5'"  . DC  C 1 4 ? 1.413   -1.379  -7.129  1.00 0.00 ? 4 DC  C "C5'"  1 
ATOM   539 C "C4'"  . DC  C 1 4 ? 2.153   -2.286  -6.145  1.00 0.00 ? 4 DC  C "C4'"  1 
ATOM   540 O "O4'"  . DC  C 1 4 ? 2.193   -1.698  -4.825  1.00 0.00 ? 4 DC  C "O4'"  1 
ATOM   541 C "C3'"  . DC  C 1 4 ? 1.472   -3.643  -6.039  1.00 0.00 ? 4 DC  C "C3'"  1 
ATOM   542 O "O3'"  . DC  C 1 4 ? 2.316   -4.673  -6.566  1.00 0.00 ? 4 DC  C "O3'"  1 
ATOM   543 C "C2'"  . DC  C 1 4 ? 1.211   -3.860  -4.571  1.00 0.00 ? 4 DC  C "C2'"  1 
ATOM   544 C "C1'"  . DC  C 1 4 ? 1.540   -2.562  -3.868  1.00 0.00 ? 4 DC  C "C1'"  1 
ATOM   545 N N1     . DC  C 1 4 ? 0.316   -1.918  -3.345  1.00 0.00 ? 4 DC  C N1     1 
ATOM   546 C C2     . DC  C 1 4 ? -0.053  -2.175  -2.030  1.00 0.00 ? 4 DC  C C2     1 
ATOM   547 O O2     . DC  C 1 4 ? 0.557   -3.011  -1.364  1.00 0.00 ? 4 DC  C O2     1 
ATOM   548 N N3     . DC  C 1 4 ? -1.116  -1.498  -1.516  1.00 0.00 ? 4 DC  C N3     1 
ATOM   549 C C4     . DC  C 1 4 ? -1.792  -0.612  -2.256  1.00 0.00 ? 4 DC  C C4     1 
ATOM   550 N N4     . DC  C 1 4 ? -2.788  0.101   -1.714  1.00 0.00 ? 4 DC  C N4     1 
ATOM   551 C C5     . DC  C 1 4 ? -1.431  -0.368  -3.595  1.00 0.00 ? 4 DC  C C5     1 
ATOM   552 C C6     . DC  C 1 4 ? -0.381  -1.031  -4.109  1.00 0.00 ? 4 DC  C C6     1 
ATOM   553 H "H5'"  . DC  C 1 4 ? 1.687   -1.661  -8.146  1.00 0.00 ? 4 DC  C "H5'"  1 
ATOM   554 H "H5''" . DC  C 1 4 ? 0.339   -1.516  -7.001  1.00 0.00 ? 4 DC  C "H5''" 1 
ATOM   555 H "H4'"  . DC  C 1 4 ? 3.174   -2.429  -6.498  1.00 0.00 ? 4 DC  C "H4'"  1 
ATOM   556 H "H3'"  . DC  C 1 4 ? 0.516   -3.623  -6.576  1.00 0.00 ? 4 DC  C "H3'"  1 
ATOM   557 H "H2'"  . DC  C 1 4 ? 0.170   -4.107  -4.412  1.00 0.00 ? 4 DC  C "H2'"  1 
ATOM   558 H "H2''" . DC  C 1 4 ? 1.846   -4.661  -4.193  1.00 0.00 ? 4 DC  C "H2''" 1 
ATOM   559 H "H1'"  . DC  C 1 4 ? 2.221   -2.763  -3.042  1.00 0.00 ? 4 DC  C "H1'"  1 
ATOM   560 H H41    . DC  C 1 4 ? -3.038  -0.027  -0.740  1.00 0.00 ? 4 DC  C H41    1 
ATOM   561 H H42    . DC  C 1 4 ? -3.268  0.798   -2.266  1.00 0.00 ? 4 DC  C H42    1 
ATOM   562 H H5     . DC  C 1 4 ? -1.989  0.330   -4.177  1.00 0.00 ? 4 DC  C H5     1 
ATOM   563 H H6     . DC  C 1 4 ? -0.093  -0.868  -5.150  1.00 0.00 ? 4 DC  C H6     1 
ATOM   564 P P      . DT  C 1 5 ? 1.700   -5.898  -7.409  1.00 0.00 ? 5 DT  C P      1 
ATOM   565 O OP1    . DT  C 1 5 ? 2.574   -7.078  -7.214  1.00 0.00 ? 5 DT  C OP1    1 
ATOM   566 O OP2    . DT  C 1 5 ? 1.404   -5.418  -8.777  1.00 0.00 ? 5 DT  C OP2    1 
ATOM   567 O "O5'"  . DT  C 1 5 ? 0.303   -6.172  -6.658  1.00 0.00 ? 5 DT  C "O5'"  1 
ATOM   568 C "C5'"  . DT  C 1 5 ? -0.130  -7.507  -6.382  1.00 0.00 ? 5 DT  C "C5'"  1 
ATOM   569 C "C4'"  . DT  C 1 5 ? 0.200   -7.924  -4.948  1.00 0.00 ? 5 DT  C "C4'"  1 
ATOM   570 O "O4'"  . DT  C 1 5 ? 0.368   -6.769  -4.092  1.00 0.00 ? 5 DT  C "O4'"  1 
ATOM   571 C "C3'"  . DT  C 1 5 ? -0.912  -8.784  -4.370  1.00 0.00 ? 5 DT  C "C3'"  1 
ATOM   572 O "O3'"  . DT  C 1 5 ? -0.438  -10.106 -4.090  1.00 0.00 ? 5 DT  C "O3'"  1 
ATOM   573 C "C2'"  . DT  C 1 5 ? -1.356  -8.093  -3.107  1.00 0.00 ? 5 DT  C "C2'"  1 
ATOM   574 C "C1'"  . DT  C 1 5 ? -0.635  -6.762  -3.053  1.00 0.00 ? 5 DT  C "C1'"  1 
ATOM   575 N N1     . DT  C 1 5 ? -1.561  -5.612  -3.238  1.00 0.00 ? 5 DT  C N1     1 
ATOM   576 C C2     . DT  C 1 5 ? -2.129  -5.062  -2.101  1.00 0.00 ? 5 DT  C C2     1 
ATOM   577 O O2     . DT  C 1 5 ? -1.940  -5.527  -0.979  1.00 0.00 ? 5 DT  C O2     1 
ATOM   578 N N3     . DT  C 1 5 ? -2.924  -3.949  -2.301  1.00 0.00 ? 5 DT  C N3     1 
ATOM   579 C C4     . DT  C 1 5 ? -3.200  -3.345  -3.506  1.00 0.00 ? 5 DT  C C4     1 
ATOM   580 O O4     . DT  C 1 5 ? -3.919  -2.349  -3.555  1.00 0.00 ? 5 DT  C O4     1 
ATOM   581 C C5     . DT  C 1 5 ? -2.573  -3.978  -4.636  1.00 0.00 ? 5 DT  C C5     1 
ATOM   582 C C7     . DT  C 1 5 ? -2.768  -3.378  -6.022  1.00 0.00 ? 5 DT  C C7     1 
ATOM   583 C C6     . DT  C 1 5 ? -1.793  -5.071  -4.481  1.00 0.00 ? 5 DT  C C6     1 
ATOM   584 H "H5'"  . DT  C 1 5 ? 0.364   -8.192  -7.072  1.00 0.00 ? 5 DT  C "H5'"  1 
ATOM   585 H "H5''" . DT  C 1 5 ? -1.207  -7.566  -6.533  1.00 0.00 ? 5 DT  C "H5''" 1 
ATOM   586 H "H4'"  . DT  C 1 5 ? 1.127   -8.499  -4.950  1.00 0.00 ? 5 DT  C "H4'"  1 
ATOM   587 H "H3'"  . DT  C 1 5 ? -1.749  -8.826  -5.074  1.00 0.00 ? 5 DT  C "H3'"  1 
ATOM   588 H "H2'"  . DT  C 1 5 ? -2.426  -7.942  -3.119  1.00 0.00 ? 5 DT  C "H2'"  1 
ATOM   589 H "H2''" . DT  C 1 5 ? -1.080  -8.697  -2.245  1.00 0.00 ? 5 DT  C "H2''" 1 
ATOM   590 H "H1'"  . DT  C 1 5 ? -0.155  -6.673  -2.079  1.00 0.00 ? 5 DT  C "H1'"  1 
ATOM   591 H H3     . DT  C 1 5 ? -3.344  -3.539  -1.492  1.00 0.00 ? 5 DT  C H3     1 
ATOM   592 H H71    . DT  C 1 5 ? -3.324  -4.077  -6.646  1.00 0.00 ? 5 DT  C H71    1 
ATOM   593 H H72    . DT  C 1 5 ? -1.795  -3.182  -6.473  1.00 0.00 ? 5 DT  C H72    1 
ATOM   594 H H73    . DT  C 1 5 ? -3.324  -2.444  -5.939  1.00 0.00 ? 5 DT  C H73    1 
ATOM   595 H H6     . DT  C 1 5 ? -1.332  -5.523  -5.360  1.00 0.00 ? 5 DT  C H6     1 
ATOM   596 P P      . DC  C 1 6 ? -1.464  -11.280 -3.688  1.00 0.00 ? 6 DC  C P      1 
ATOM   597 O OP1    . DC  C 1 6 ? -1.846  -11.097 -2.269  1.00 0.00 ? 6 DC  C OP1    1 
ATOM   598 O OP2    . DC  C 1 6 ? -0.893  -12.569 -4.140  1.00 0.00 ? 6 DC  C OP2    1 
ATOM   599 O "O5'"  . DC  C 1 6 ? -2.745  -10.946 -4.603  1.00 0.00 ? 6 DC  C "O5'"  1 
ATOM   600 C "C5'"  . DC  C 1 6 ? -3.742  -11.937 -4.849  1.00 0.00 ? 6 DC  C "C5'"  1 
ATOM   601 C "C4'"  . DC  C 1 6 ? -4.764  -12.000 -3.716  1.00 0.00 ? 6 DC  C "C4'"  1 
ATOM   602 O "O4'"  . DC  C 1 6 ? -5.043  -10.676 -3.201  1.00 0.00 ? 6 DC  C "O4'"  1 
ATOM   603 C "C3'"  . DC  C 1 6 ? -6.067  -12.608 -4.208  1.00 0.00 ? 6 DC  C "C3'"  1 
ATOM   604 O "O3'"  . DC  C 1 6 ? -6.340  -13.845 -3.538  1.00 0.00 ? 6 DC  C "O3'"  1 
ATOM   605 C "C2'"  . DC  C 1 6 ? -7.136  -11.591 -3.920  1.00 0.00 ? 6 DC  C "C2'"  1 
ATOM   606 C "C1'"  . DC  C 1 6 ? -6.447  -10.368 -3.331  1.00 0.00 ? 6 DC  C "C1'"  1 
ATOM   607 N N1     . DC  C 1 6 ? -6.648  -9.198  -4.209  1.00 0.00 ? 6 DC  C N1     1 
ATOM   608 C C2     . DC  C 1 6 ? -7.390  -8.140  -3.708  1.00 0.00 ? 6 DC  C C2     1 
ATOM   609 O O2     . DC  C 1 6 ? -7.831  -8.177  -2.558  1.00 0.00 ? 6 DC  C O2     1 
ATOM   610 N N3     . DC  C 1 6 ? -7.604  -7.067  -4.516  1.00 0.00 ? 6 DC  C N3     1 
ATOM   611 C C4     . DC  C 1 6 ? -7.110  -7.030  -5.761  1.00 0.00 ? 6 DC  C C4     1 
ATOM   612 N N4     . DC  C 1 6 ? -7.359  -5.969  -6.528  1.00 0.00 ? 6 DC  C N4     1 
ATOM   613 C C5     . DC  C 1 6 ? -6.338  -8.115  -6.277  1.00 0.00 ? 6 DC  C C5     1 
ATOM   614 C C6     . DC  C 1 6 ? -6.136  -9.174  -5.476  1.00 0.00 ? 6 DC  C C6     1 
ATOM   615 H "H5'"  . DC  C 1 6 ? -3.260  -12.911 -4.949  1.00 0.00 ? 6 DC  C "H5'"  1 
ATOM   616 H "H5''" . DC  C 1 6 ? -4.255  -11.699 -5.780  1.00 0.00 ? 6 DC  C "H5''" 1 
ATOM   617 H "H4'"  . DC  C 1 6 ? -4.364  -12.617 -2.911  1.00 0.00 ? 6 DC  C "H4'"  1 
ATOM   618 H "H3'"  . DC  C 1 6 ? -6.007  -12.775 -5.285  1.00 0.00 ? 6 DC  C "H3'"  1 
ATOM   619 H "H2'"  . DC  C 1 6 ? -7.649  -11.321 -4.843  1.00 0.00 ? 6 DC  C "H2'"  1 
ATOM   620 H "H2''" . DC  C 1 6 ? -7.848  -11.997 -3.209  1.00 0.00 ? 6 DC  C "H2''" 1 
ATOM   621 H "H1'"  . DC  C 1 6 ? -6.864  -10.147 -2.341  1.00 0.00 ? 6 DC  C "H1'"  1 
ATOM   622 H H41    . DC  C 1 6 ? -7.910  -5.205  -6.164  1.00 0.00 ? 6 DC  C H41    1 
ATOM   623 H H42    . DC  C 1 6 ? -7.002  -5.932  -7.473  1.00 0.00 ? 6 DC  C H42    1 
ATOM   624 H H5     . DC  C 1 6 ? -5.909  -8.079  -7.278  1.00 0.00 ? 6 DC  C H5     1 
ATOM   625 H H6     . DC  C 1 6 ? -5.578  -10.030 -5.852  1.00 0.00 ? 6 DC  C H6     1 
ATOM   626 P P      . DC  C 1 7 ? -6.212  -15.245 -4.326  1.00 0.00 ? 7 DC  C P      1 
ATOM   627 O OP1    . DC  C 1 7 ? -6.964  -16.271 -3.571  1.00 0.00 ? 7 DC  C OP1    1 
ATOM   628 O OP2    . DC  C 1 7 ? -4.785  -15.465 -4.648  1.00 0.00 ? 7 DC  C OP2    1 
ATOM   629 O "O5'"  . DC  C 1 7 ? -6.999  -14.941 -5.704  1.00 0.00 ? 7 DC  C "O5'"  1 
ATOM   630 C "C5'"  . DC  C 1 7 ? -8.187  -15.662 -6.053  1.00 0.00 ? 7 DC  C "C5'"  1 
ATOM   631 C "C4'"  . DC  C 1 7 ? -9.317  -15.403 -5.059  1.00 0.00 ? 7 DC  C "C4'"  1 
ATOM   632 O "O4'"  . DC  C 1 7 ? -9.537  -13.986 -4.886  1.00 0.00 ? 7 DC  C "O4'"  1 
ATOM   633 C "C3'"  . DC  C 1 7 ? -10.618 -16.033 -5.538  1.00 0.00 ? 7 DC  C "C3'"  1 
ATOM   634 O "O3'"  . DC  C 1 7 ? -11.014 -17.104 -4.676  1.00 0.00 ? 7 DC  C "O3'"  1 
ATOM   635 C "C2'"  . DC  C 1 7 ? -11.643 -14.928 -5.526  1.00 0.00 ? 7 DC  C "C2'"  1 
ATOM   636 C "C1'"  . DC  C 1 7 ? -10.936 -13.670 -5.049  1.00 0.00 ? 7 DC  C "C1'"  1 
ATOM   637 N N1     . DC  C 1 7 ? -11.127 -12.561 -6.010  1.00 0.00 ? 7 DC  C N1     1 
ATOM   638 C C2     . DC  C 1 7 ? -12.208 -11.714 -5.801  1.00 0.00 ? 7 DC  C C2     1 
ATOM   639 O O2     . DC  C 1 7 ? -12.944 -11.871 -4.826  1.00 0.00 ? 7 DC  C O2     1 
ATOM   640 N N3     . DC  C 1 7 ? -12.412 -10.700 -6.683  1.00 0.00 ? 7 DC  C N3     1 
ATOM   641 C C4     . DC  C 1 7 ? -11.594 -10.515 -7.726  1.00 0.00 ? 7 DC  C C4     1 
ATOM   642 N N4     . DC  C 1 7 ? -11.830 -9.508  -8.566  1.00 0.00 ? 7 DC  C N4     1 
ATOM   643 C C5     . DC  C 1 7 ? -10.475 -11.377 -7.945  1.00 0.00 ? 7 DC  C C5     1 
ATOM   644 C C6     . DC  C 1 7 ? -10.279 -12.385 -7.069  1.00 0.00 ? 7 DC  C C6     1 
ATOM   645 H "H5'"  . DC  C 1 7 ? -7.964  -16.729 -6.068  1.00 0.00 ? 7 DC  C "H5'"  1 
ATOM   646 H "H5''" . DC  C 1 7 ? -8.510  -15.352 -7.047  1.00 0.00 ? 7 DC  C "H5''" 1 
ATOM   647 H "H4'"  . DC  C 1 7 ? -9.048  -15.837 -4.095  1.00 0.00 ? 7 DC  C "H4'"  1 
ATOM   648 H "H3'"  . DC  C 1 7 ? -10.493 -16.402 -6.558  1.00 0.00 ? 7 DC  C "H3'"  1 
ATOM   649 H "HO3'" . DC  C 1 7 ? -11.238 -16.719 -3.826  1.00 0.00 ? 7 DC  C "HO3'" 1 
ATOM   650 H "H2'"  . DC  C 1 7 ? -12.037 -14.776 -6.531  1.00 0.00 ? 7 DC  C "H2'"  1 
ATOM   651 H "H2''" . DC  C 1 7 ? -12.455 -15.182 -4.843  1.00 0.00 ? 7 DC  C "H2''" 1 
ATOM   652 H "H1'"  . DC  C 1 7 ? -11.347 -13.377 -4.083  1.00 0.00 ? 7 DC  C "H1'"  1 
ATOM   653 H H41    . DC  C 1 7 ? -12.617 -8.894  -8.408  1.00 0.00 ? 7 DC  C H41    1 
ATOM   654 H H42    . DC  C 1 7 ? -11.221 -9.356  -9.357  1.00 0.00 ? 7 DC  C H42    1 
ATOM   655 H H5     . DC  C 1 7 ? -9.791  -11.210 -8.779  1.00 0.00 ? 7 DC  C H5     1 
ATOM   656 H H6     . DC  C 1 7 ? -9.437  -13.063 -7.206  1.00 0.00 ? 7 DC  C H6     1 
HETATM 657 N N1     . MCY D 1 1 ? -11.170 -5.881  -7.751  1.00 0.00 ? 1 MCY D N1     1 
HETATM 658 C C2     . MCY D 1 1 ? -11.744 -6.441  -6.631  1.00 0.00 ? 1 MCY D C2     1 
HETATM 659 N N3     . MCY D 1 1 ? -11.180 -7.572  -6.135  1.00 0.00 ? 1 MCY D N3     1 
HETATM 660 C C4     . MCY D 1 1 ? -10.102 -8.134  -6.711  1.00 0.00 ? 1 MCY D C4     1 
HETATM 661 C C5     . MCY D 1 1 ? -9.555  -7.574  -7.811  1.00 0.00 ? 1 MCY D C5     1 
HETATM 662 C C6     . MCY D 1 1 ? -10.083 -6.447  -8.317  1.00 0.00 ? 1 MCY D C6     1 
HETATM 663 O O2     . MCY D 1 1 ? -12.722 -5.922  -6.099  1.00 0.00 ? 1 MCY D O2     1 
HETATM 664 N N4     . MCY D 1 1 ? -9.570  -9.237  -6.178  1.00 0.00 ? 1 MCY D N4     1 
HETATM 665 C "C1'"  . MCY D 1 1 ? -11.794 -4.679  -8.348  1.00 0.00 ? 1 MCY D "C1'"  1 
HETATM 666 C "C2'"  . MCY D 1 1 ? -11.060 -3.427  -7.916  1.00 0.00 ? 1 MCY D "C2'"  1 
HETATM 667 C "C3'"  . MCY D 1 1 ? -10.604 -2.719  -9.154  1.00 0.00 ? 1 MCY D "C3'"  1 
HETATM 668 C "C4'"  . MCY D 1 1 ? -11.015 -3.608  -10.320 1.00 0.00 ? 1 MCY D "C4'"  1 
HETATM 669 O "O4'"  . MCY D 1 1 ? -11.745 -4.738  -9.791  1.00 0.00 ? 1 MCY D "O4'"  1 
HETATM 670 O "O3'"  . MCY D 1 1 ? -11.207 -1.422  -9.262  1.00 0.00 ? 1 MCY D "O3'"  1 
HETATM 671 C "C5'"  . MCY D 1 1 ? -9.793  -4.074  -11.108 1.00 0.00 ? 1 MCY D "C5'"  1 
HETATM 672 O "O5'"  . MCY D 1 1 ? -8.807  -4.661  -10.253 1.00 0.00 ? 1 MCY D "O5'"  1 
HETATM 673 C C5A    . MCY D 1 1 ? -8.390  -8.259  -8.525  1.00 0.00 ? 1 MCY D C5A    1 
HETATM 674 H H6     . MCY D 1 1 ? -9.604  -5.947  -9.150  1.00 0.00 ? 1 MCY D H6     1 
HETATM 675 H HN41   . MCY D 1 1 ? -8.753  -9.657  -6.596  1.00 0.00 ? 1 MCY D HN41   1 
HETATM 676 H HN42   . MCY D 1 1 ? -9.984  -9.651  -5.353  1.00 0.00 ? 1 MCY D HN42   1 
HETATM 677 H "H1'"  . MCY D 1 1 ? -12.833 -4.618  -8.028  1.00 0.00 ? 1 MCY D "H1'"  1 
HETATM 678 H "H2'"  . MCY D 1 1 ? -10.190 -3.702  -7.324  1.00 0.00 ? 1 MCY D "H2'"  1 
HETATM 679 H "H2''" . MCY D 1 1 ? -11.723 -2.780  -7.347  1.00 0.00 ? 1 MCY D "H2''" 1 
HETATM 680 H "H3'"  . MCY D 1 1 ? -9.519  -2.622  -9.120  1.00 0.00 ? 1 MCY D "H3'"  1 
HETATM 681 H "H4'"  . MCY D 1 1 ? -11.670 -3.043  -10.983 1.00 0.00 ? 1 MCY D "H4'"  1 
HETATM 682 H "H5'"  . MCY D 1 1 ? -10.107 -4.812  -11.846 1.00 0.00 ? 1 MCY D "H5'"  1 
HETATM 683 H "H5''" . MCY D 1 1 ? -9.354  -3.220  -11.622 1.00 0.00 ? 1 MCY D "H5''" 1 
HETATM 684 H "HO5'" . MCY D 1 1 ? -8.360  -5.343  -10.759 1.00 0.00 ? 1 MCY D "HO5'" 1 
HETATM 685 H H5A1   . MCY D 1 1 ? -8.745  -8.698  -9.457  1.00 0.00 ? 1 MCY D H5A1   1 
HETATM 686 H H5A2   . MCY D 1 1 ? -7.979  -9.043  -7.891  1.00 0.00 ? 1 MCY D H5A2   1 
HETATM 687 H H5A3   . MCY D 1 1 ? -7.615  -7.525  -8.743  1.00 0.00 ? 1 MCY D H5A3   1 
ATOM   688 P P      . DC  D 1 2 ? -10.881 -0.258  -8.194  1.00 0.00 ? 2 DC  D P      1 
ATOM   689 O OP1    . DC  D 1 2 ? -11.527 -0.613  -6.911  1.00 0.00 ? 2 DC  D OP1    1 
ATOM   690 O OP2    . DC  D 1 2 ? -11.176 1.046   -8.830  1.00 0.00 ? 2 DC  D OP2    1 
ATOM   691 O "O5'"  . DC  D 1 2 ? -9.283  -0.376  -8.005  1.00 0.00 ? 2 DC  D "O5'"  1 
ATOM   692 C "C5'"  . DC  D 1 2 ? -8.533  0.693   -7.415  1.00 0.00 ? 2 DC  D "C5'"  1 
ATOM   693 C "C4'"  . DC  D 1 2 ? -8.934  0.932   -5.959  1.00 0.00 ? 2 DC  D "C4'"  1 
ATOM   694 O "O4'"  . DC  D 1 2 ? -9.162  -0.321  -5.282  1.00 0.00 ? 2 DC  D "O4'"  1 
ATOM   695 C "C3'"  . DC  D 1 2 ? -7.848  1.691   -5.208  1.00 0.00 ? 2 DC  D "C3'"  1 
ATOM   696 O "O3'"  . DC  D 1 2 ? -8.345  2.949   -4.740  1.00 0.00 ? 2 DC  D "O3'"  1 
ATOM   697 C "C2'"  . DC  D 1 2 ? -7.448  0.810   -4.051  1.00 0.00 ? 2 DC  D "C2'"  1 
ATOM   698 C "C1'"  . DC  D 1 2 ? -8.288  -0.451  -4.143  1.00 0.00 ? 2 DC  D "C1'"  1 
ATOM   699 N N1     . DC  D 1 2 ? -7.446  -1.661  -4.273  1.00 0.00 ? 2 DC  D N1     1 
ATOM   700 C C2     . DC  D 1 2 ? -7.356  -2.501  -3.168  1.00 0.00 ? 2 DC  D C2     1 
ATOM   701 O O2     . DC  D 1 2 ? -7.916  -2.207  -2.114  1.00 0.00 ? 2 DC  D O2     1 
ATOM   702 N N3     . DC  D 1 2 ? -6.659  -3.657  -3.297  1.00 0.00 ? 2 DC  D N3     1 
ATOM   703 C C4     . DC  D 1 2 ? -6.080  -3.983  -4.463  1.00 0.00 ? 2 DC  D C4     1 
ATOM   704 N N4     . DC  D 1 2 ? -5.573  -5.192  -4.622  1.00 0.00 ? 2 DC  D N4     1 
ATOM   705 C C5     . DC  D 1 2 ? -6.153  -3.124  -5.590  1.00 0.00 ? 2 DC  D C5     1 
ATOM   706 C C6     . DC  D 1 2 ? -6.839  -1.978  -5.459  1.00 0.00 ? 2 DC  D C6     1 
ATOM   707 H "H5'"  . DC  D 1 2 ? -8.706  1.606   -7.986  1.00 0.00 ? 2 DC  D "H5'"  1 
ATOM   708 H "H5''" . DC  D 1 2 ? -7.472  0.446   -7.457  1.00 0.00 ? 2 DC  D "H5''" 1 
ATOM   709 H "H4'"  . DC  D 1 2 ? -9.853  1.517   -5.938  1.00 0.00 ? 2 DC  D "H4'"  1 
ATOM   710 H "H3'"  . DC  D 1 2 ? -6.988  1.847   -5.861  1.00 0.00 ? 2 DC  D "H3'"  1 
ATOM   711 H "H2'"  . DC  D 1 2 ? -6.389  0.564   -4.109  1.00 0.00 ? 2 DC  D "H2'"  1 
ATOM   712 H "H2''" . DC  D 1 2 ? -7.656  1.320   -3.114  1.00 0.00 ? 2 DC  D "H2''" 1 
ATOM   713 H "H1'"  . DC  D 1 2 ? -8.891  -0.537  -3.242  1.00 0.00 ? 2 DC  D "H1'"  1 
ATOM   714 H H41    . DC  D 1 2 ? -5.444  -5.801  -3.821  1.00 0.00 ? 2 DC  D H41    1 
ATOM   715 H H42    . DC  D 1 2 ? -5.274  -5.482  -5.539  1.00 0.00 ? 2 DC  D H42    1 
ATOM   716 H H5     . DC  D 1 2 ? -5.625  -3.375  -6.515  1.00 0.00 ? 2 DC  D H5     1 
ATOM   717 H H6     . DC  D 1 2 ? -6.891  -1.290  -6.299  1.00 0.00 ? 2 DC  D H6     1 
ATOM   718 P P      . DT  D 1 3 ? -7.432  4.275   -4.807  1.00 0.00 ? 3 DT  D P      1 
ATOM   719 O OP1    . DT  D 1 3 ? -8.064  5.314   -3.961  1.00 0.00 ? 3 DT  D OP1    1 
ATOM   720 O OP2    . DT  D 1 3 ? -7.136  4.561   -6.228  1.00 0.00 ? 3 DT  D OP2    1 
ATOM   721 O "O5'"  . DT  D 1 3 ? -6.069  3.800   -4.092  1.00 0.00 ? 3 DT  D "O5'"  1 
ATOM   722 C "C5'"  . DT  D 1 3 ? -6.010  3.622   -2.673  1.00 0.00 ? 3 DT  D "C5'"  1 
ATOM   723 C "C4'"  . DT  D 1 3 ? -4.572  3.473   -2.187  1.00 0.00 ? 3 DT  D "C4'"  1 
ATOM   724 O "O4'"  . DT  D 1 3 ? -3.881  2.456   -2.944  1.00 0.00 ? 3 DT  D "O4'"  1 
ATOM   725 C "C3'"  . DT  D 1 3 ? -3.815  4.785   -2.340  1.00 0.00 ? 3 DT  D "C3'"  1 
ATOM   726 O "O3'"  . DT  D 1 3 ? -3.373  5.268   -1.063  1.00 0.00 ? 3 DT  D "O3'"  1 
ATOM   727 C "C2'"  . DT  D 1 3 ? -2.643  4.487   -3.245  1.00 0.00 ? 3 DT  D "C2'"  1 
ATOM   728 C "C1'"  . DT  D 1 3 ? -2.684  2.996   -3.542  1.00 0.00 ? 3 DT  D "C1'"  1 
ATOM   729 N N1     . DT  D 1 3 ? -2.663  2.733   -4.999  1.00 0.00 ? 3 DT  D N1     1 
ATOM   730 C C2     . DT  D 1 3 ? -1.489  2.237   -5.542  1.00 0.00 ? 3 DT  D C2     1 
ATOM   731 O O2     . DT  D 1 3 ? -0.475  2.067   -4.867  1.00 0.00 ? 3 DT  D O2     1 
ATOM   732 N N3     . DT  D 1 3 ? -1.517  1.954   -6.894  1.00 0.00 ? 3 DT  D N3     1 
ATOM   733 C C4     . DT  D 1 3 ? -2.598  2.127   -7.741  1.00 0.00 ? 3 DT  D C4     1 
ATOM   734 O O4     . DT  D 1 3 ? -2.509  1.841   -8.934  1.00 0.00 ? 3 DT  D O4     1 
ATOM   735 C C5     . DT  D 1 3 ? -3.778  2.654   -7.091  1.00 0.00 ? 3 DT  D C5     1 
ATOM   736 C C7     . DT  D 1 3 ? -5.044  2.894   -7.910  1.00 0.00 ? 3 DT  D C7     1 
ATOM   737 C C6     . DT  D 1 3 ? -3.778  2.934   -5.771  1.00 0.00 ? 3 DT  D C6     1 
ATOM   738 H "H5'"  . DT  D 1 3 ? -6.568  2.729   -2.402  1.00 0.00 ? 3 DT  D "H5'"  1 
ATOM   739 H "H5''" . DT  D 1 3 ? -6.463  4.486   -2.186  1.00 0.00 ? 3 DT  D "H5''" 1 
ATOM   740 H "H4'"  . DT  D 1 3 ? -4.581  3.188   -1.136  1.00 0.00 ? 3 DT  D "H4'"  1 
ATOM   741 H "H3'"  . DT  D 1 3 ? -4.459  5.528   -2.816  1.00 0.00 ? 3 DT  D "H3'"  1 
ATOM   742 H "H2'"  . DT  D 1 3 ? -2.735  5.054   -4.171  1.00 0.00 ? 3 DT  D "H2'"  1 
ATOM   743 H "H2''" . DT  D 1 3 ? -1.711  4.742   -2.743  1.00 0.00 ? 3 DT  D "H2''" 1 
ATOM   744 H "H1'"  . DT  D 1 3 ? -1.816  2.521   -3.086  1.00 0.00 ? 3 DT  D "H1'"  1 
ATOM   745 H H3     . DT  D 1 3 ? -0.675  1.571   -7.295  1.00 0.00 ? 3 DT  D H3     1 
ATOM   746 H H71    . DT  D 1 3 ? -4.871  2.596   -8.945  1.00 0.00 ? 3 DT  D H71    1 
ATOM   747 H H72    . DT  D 1 3 ? -5.303  3.954   -7.878  1.00 0.00 ? 3 DT  D H72    1 
ATOM   748 H H73    . DT  D 1 3 ? -5.863  2.308   -7.496  1.00 0.00 ? 3 DT  D H73    1 
ATOM   749 H H6     . DT  D 1 3 ? -4.683  3.328   -5.308  1.00 0.00 ? 3 DT  D H6     1 
ATOM   750 P P      . DC  D 1 4 ? -4.430  5.856   0.008   1.00 0.00 ? 4 DC  D P      1 
ATOM   751 O OP1    . DC  D 1 4 ? -5.661  5.037   -0.052  1.00 0.00 ? 4 DC  D OP1    1 
ATOM   752 O OP2    . DC  D 1 4 ? -4.510  7.321   -0.179  1.00 0.00 ? 4 DC  D OP2    1 
ATOM   753 O "O5'"  . DC  D 1 4 ? -3.706  5.567   1.418   1.00 0.00 ? 4 DC  D "O5'"  1 
ATOM   754 C "C5'"  . DC  D 1 4 ? -4.429  5.690   2.648   1.00 0.00 ? 4 DC  D "C5'"  1 
ATOM   755 C "C4'"  . DC  D 1 4 ? -3.664  5.075   3.819   1.00 0.00 ? 4 DC  D "C4'"  1 
ATOM   756 O "O4'"  . DC  D 1 4 ? -3.306  3.705   3.532   1.00 0.00 ? 4 DC  D "O4'"  1 
ATOM   757 C "C3'"  . DC  D 1 4 ? -2.387  5.855   4.101   1.00 0.00 ? 4 DC  D "C3'"  1 
ATOM   758 O "O3'"  . DC  D 1 4 ? -2.404  6.391   5.429   1.00 0.00 ? 4 DC  D "O3'"  1 
ATOM   759 C "C2'"  . DC  D 1 4 ? -1.254  4.876   3.933   1.00 0.00 ? 4 DC  D "C2'"  1 
ATOM   760 C "C1'"  . DC  D 1 4 ? -1.872  3.538   3.555   1.00 0.00 ? 4 DC  D "C1'"  1 
ATOM   761 N N1     . DC  D 1 4 ? -1.387  3.080   2.235   1.00 0.00 ? 4 DC  D N1     1 
ATOM   762 C C2     . DC  D 1 4 ? -0.908  1.777   2.137   1.00 0.00 ? 4 DC  D C2     1 
ATOM   763 O O2     . DC  D 1 4 ? -0.859  1.053   3.130   1.00 0.00 ? 4 DC  D O2     1 
ATOM   764 N N3     . DC  D 1 4 ? -0.501  1.331   0.918   1.00 0.00 ? 4 DC  D N3     1 
ATOM   765 C C4     . DC  D 1 4 ? -0.557  2.130   -0.156  1.00 0.00 ? 4 DC  D C4     1 
ATOM   766 N N4     . DC  D 1 4 ? -0.155  1.663   -1.329  1.00 0.00 ? 4 DC  D N4     1 
ATOM   767 C C5     . DC  D 1 4 ? -1.044  3.467   -0.060  1.00 0.00 ? 4 DC  D C5     1 
ATOM   768 C C6     . DC  D 1 4 ? -1.446  3.900   1.144   1.00 0.00 ? 4 DC  D C6     1 
ATOM   769 H "H5'"  . DC  D 1 4 ? -5.390  5.184   2.548   1.00 0.00 ? 4 DC  D "H5'"  1 
ATOM   770 H "H5''" . DC  D 1 4 ? -4.604  6.747   2.853   1.00 0.00 ? 4 DC  D "H5''" 1 
ATOM   771 H "H4'"  . DC  D 1 4 ? -4.296  5.097   4.706   1.00 0.00 ? 4 DC  D "H4'"  1 
ATOM   772 H "H3'"  . DC  D 1 4 ? -2.282  6.661   3.373   1.00 0.00 ? 4 DC  D "H3'"  1 
ATOM   773 H "H2'"  . DC  D 1 4 ? -0.583  5.214   3.143   1.00 0.00 ? 4 DC  D "H2'"  1 
ATOM   774 H "H2''" . DC  D 1 4 ? -0.705  4.778   4.869   1.00 0.00 ? 4 DC  D "H2''" 1 
ATOM   775 H "H1'"  . DC  D 1 4 ? -1.610  2.797   4.308   1.00 0.00 ? 4 DC  D "H1'"  1 
ATOM   776 H H41    . DC  D 1 4 ? 0.215   0.727   -1.397  1.00 0.00 ? 4 DC  D H41    1 
ATOM   777 H H42    . DC  D 1 4 ? -0.199  2.248   -2.146  1.00 0.00 ? 4 DC  D H42    1 
ATOM   778 H H5     . DC  D 1 4 ? -1.090  4.114   -0.936  1.00 0.00 ? 4 DC  D H5     1 
ATOM   779 H H6     . DC  D 1 4 ? -1.812  4.921   1.252   1.00 0.00 ? 4 DC  D H6     1 
ATOM   780 P P      . DT  D 1 5 ? -2.311  7.980   5.677   1.00 0.00 ? 5 DT  D P      1 
ATOM   781 O OP1    . DT  D 1 5 ? -2.496  8.233   7.123   1.00 0.00 ? 5 DT  D OP1    1 
ATOM   782 O OP2    . DT  D 1 5 ? -3.184  8.656   4.692   1.00 0.00 ? 5 DT  D OP2    1 
ATOM   783 O "O5'"  . DT  D 1 5 ? -0.781  8.305   5.299   1.00 0.00 ? 5 DT  D "O5'"  1 
ATOM   784 C "C5'"  . DT  D 1 5 ? 0.296   7.713   6.032   1.00 0.00 ? 5 DT  D "C5'"  1 
ATOM   785 C "C4'"  . DT  D 1 5 ? 1.647   8.253   5.575   1.00 0.00 ? 5 DT  D "C4'"  1 
ATOM   786 O "O4'"  . DT  D 1 5 ? 1.864   7.957   4.180   1.00 0.00 ? 5 DT  D "O4'"  1 
ATOM   787 C "C3'"  . DT  D 1 5 ? 1.716   9.766   5.761   1.00 0.00 ? 5 DT  D "C3'"  1 
ATOM   788 O "O3'"  . DT  D 1 5 ? 2.776   10.131  6.656   1.00 0.00 ? 5 DT  D "O3'"  1 
ATOM   789 C "C2'"  . DT  D 1 5 ? 1.955   10.342  4.390   1.00 0.00 ? 5 DT  D "C2'"  1 
ATOM   790 C "C1'"  . DT  D 1 5 ? 2.125   9.167   3.440   1.00 0.00 ? 5 DT  D "C1'"  1 
ATOM   791 N N1     . DT  D 1 5 ? 1.214   9.283   2.280   1.00 0.00 ? 5 DT  D N1     1 
ATOM   792 C C2     . DT  D 1 5 ? 1.775   9.602   1.056   1.00 0.00 ? 5 DT  D C2     1 
ATOM   793 O O2     . DT  D 1 5 ? 2.981   9.803   0.918   1.00 0.00 ? 5 DT  D O2     1 
ATOM   794 N N3     . DT  D 1 5 ? 0.900   9.682   -0.010  1.00 0.00 ? 5 DT  D N3     1 
ATOM   795 C C4     . DT  D 1 5 ? -0.468  9.478   0.039   1.00 0.00 ? 5 DT  D C4     1 
ATOM   796 O O4     . DT  D 1 5 ? -1.152  9.576   -0.977  1.00 0.00 ? 5 DT  D O4     1 
ATOM   797 C C5     . DT  D 1 5 ? -0.966  9.153   1.358   1.00 0.00 ? 5 DT  D C5     1 
ATOM   798 C C7     . DT  D 1 5 ? -2.459  8.904   1.557   1.00 0.00 ? 5 DT  D C7     1 
ATOM   799 C C6     . DT  D 1 5 ? -0.132  9.066   2.415   1.00 0.00 ? 5 DT  D C6     1 
ATOM   800 H "H5'"  . DT  D 1 5 ? 0.276   6.633   5.883   1.00 0.00 ? 5 DT  D "H5'"  1 
ATOM   801 H "H5''" . DT  D 1 5 ? 0.167   7.929   7.093   1.00 0.00 ? 5 DT  D "H5''" 1 
ATOM   802 H "H4'"  . DT  D 1 5 ? 2.435   7.784   6.163   1.00 0.00 ? 5 DT  D "H4'"  1 
ATOM   803 H "H3'"  . DT  D 1 5 ? 0.762   10.132  6.147   1.00 0.00 ? 5 DT  D "H3'"  1 
ATOM   804 H "H2'"  . DT  D 1 5 ? 1.102   10.948  4.086   1.00 0.00 ? 5 DT  D "H2'"  1 
ATOM   805 H "H2''" . DT  D 1 5 ? 2.860   10.950  4.395   1.00 0.00 ? 5 DT  D "H2''" 1 
ATOM   806 H "H1'"  . DT  D 1 5 ? 3.153   9.147   3.084   1.00 0.00 ? 5 DT  D "H1'"  1 
ATOM   807 H H3     . DT  D 1 5 ? 1.296   9.909   -0.910  1.00 0.00 ? 5 DT  D H3     1 
ATOM   808 H H71    . DT  D 1 5 ? -3.010  9.298   0.703   1.00 0.00 ? 5 DT  D H71    1 
ATOM   809 H H72    . DT  D 1 5 ? -2.792  9.404   2.467   1.00 0.00 ? 5 DT  D H72    1 
ATOM   810 H H73    . DT  D 1 5 ? -2.640  7.833   1.643   1.00 0.00 ? 5 DT  D H73    1 
ATOM   811 H H6     . DT  D 1 5 ? -0.538  8.820   3.396   1.00 0.00 ? 5 DT  D H6     1 
ATOM   812 P P      . DC  D 1 6 ? 2.848   9.524   8.148   1.00 0.00 ? 6 DC  D P      1 
ATOM   813 O OP1    . DC  D 1 6 ? 1.466   9.385   8.659   1.00 0.00 ? 6 DC  D OP1    1 
ATOM   814 O OP2    . DC  D 1 6 ? 3.846   10.301  8.916   1.00 0.00 ? 6 DC  D OP2    1 
ATOM   815 O "O5'"  . DC  D 1 6 ? 3.445   8.050   7.891   1.00 0.00 ? 6 DC  D "O5'"  1 
ATOM   816 C "C5'"  . DC  D 1 6 ? 3.378   7.045   8.907   1.00 0.00 ? 6 DC  D "C5'"  1 
ATOM   817 C "C4'"  . DC  D 1 6 ? 4.705   6.304   9.048   1.00 0.00 ? 6 DC  D "C4'"  1 
ATOM   818 O "O4'"  . DC  D 1 6 ? 5.094   5.699   7.794   1.00 0.00 ? 6 DC  D "O4'"  1 
ATOM   819 C "C3'"  . DC  D 1 6 ? 5.812   7.254   9.479   1.00 0.00 ? 6 DC  D "C3'"  1 
ATOM   820 O "O3'"  . DC  D 1 6 ? 6.223   6.995   10.825  1.00 0.00 ? 6 DC  D "O3'"  1 
ATOM   821 C "C2'"  . DC  D 1 6 ? 6.949   7.028   8.517   1.00 0.00 ? 6 DC  D "C2'"  1 
ATOM   822 C "C1'"  . DC  D 1 6 ? 6.476   5.999   7.505   1.00 0.00 ? 6 DC  D "C1'"  1 
ATOM   823 N N1     . DC  D 1 6 ? 6.647   6.512   6.128   1.00 0.00 ? 6 DC  D N1     1 
ATOM   824 C C2     . DC  D 1 6 ? 7.811   6.157   5.456   1.00 0.00 ? 6 DC  D C2     1 
ATOM   825 O O2     . DC  D 1 6 ? 8.641   5.428   5.996   1.00 0.00 ? 6 DC  D O2     1 
ATOM   826 N N3     . DC  D 1 6 ? 8.000   6.635   4.200   1.00 0.00 ? 6 DC  D N3     1 
ATOM   827 C C4     . DC  D 1 6 ? 7.095   7.428   3.619   1.00 0.00 ? 6 DC  D C4     1 
ATOM   828 N N4     . DC  D 1 6 ? 7.323   7.880   2.389   1.00 0.00 ? 6 DC  D N4     1 
ATOM   829 C C5     . DC  D 1 6 ? 5.895   7.798   4.302   1.00 0.00 ? 6 DC  D C5     1 
ATOM   830 C C6     . DC  D 1 6 ? 5.709   7.321   5.547   1.00 0.00 ? 6 DC  D C6     1 
ATOM   831 H "H5'"  . DC  D 1 6 ? 2.596   6.331   8.649   1.00 0.00 ? 6 DC  D "H5'"  1 
ATOM   832 H "H5''" . DC  D 1 6 ? 3.130   7.515   9.860   1.00 0.00 ? 6 DC  D "H5''" 1 
ATOM   833 H "H4'"  . DC  D 1 6 ? 4.596   5.521   9.799   1.00 0.00 ? 6 DC  D "H4'"  1 
ATOM   834 H "H3'"  . DC  D 1 6 ? 5.462   8.285   9.386   1.00 0.00 ? 6 DC  D "H3'"  1 
ATOM   835 H "H2'"  . DC  D 1 6 ? 7.197   7.960   8.013   1.00 0.00 ? 6 DC  D "H2'"  1 
ATOM   836 H "H2''" . DC  D 1 6 ? 7.819   6.651   9.053   1.00 0.00 ? 6 DC  D "H2''" 1 
ATOM   837 H "H1'"  . DC  D 1 6 ? 7.067   5.090   7.620   1.00 0.00 ? 6 DC  D "H1'"  1 
ATOM   838 H H41    . DC  D 1 6 ? 8.168   7.616   1.904   1.00 0.00 ? 6 DC  D H41    1 
ATOM   839 H H42    . DC  D 1 6 ? 6.655   8.481   1.943   1.00 0.00 ? 6 DC  D H42    1 
ATOM   840 H H5     . DC  D 1 6 ? 5.158   8.448   3.833   1.00 0.00 ? 6 DC  D H5     1 
ATOM   841 H H6     . DC  D 1 6 ? 4.804   7.584   6.095   1.00 0.00 ? 6 DC  D H6     1 
ATOM   842 P P      . DC  D 1 7 ? 7.010   8.117   11.675  1.00 0.00 ? 7 DC  D P      1 
ATOM   843 O OP1    . DC  D 1 7 ? 8.065   7.443   12.464  1.00 0.00 ? 7 DC  D OP1    1 
ATOM   844 O OP2    . DC  D 1 7 ? 6.008   8.966   12.357  1.00 0.00 ? 7 DC  D OP2    1 
ATOM   845 O "O5'"  . DC  D 1 7 ? 7.724   9.000   10.530  1.00 0.00 ? 7 DC  D "O5'"  1 
ATOM   846 C "C5'"  . DC  D 1 7 ? 8.584   10.091  10.871  1.00 0.00 ? 7 DC  D "C5'"  1 
ATOM   847 C "C4'"  . DC  D 1 7 ? 10.025  9.628   11.069  1.00 0.00 ? 7 DC  D "C4'"  1 
ATOM   848 O "O4'"  . DC  D 1 7 ? 10.621  9.259   9.806   1.00 0.00 ? 7 DC  D "O4'"  1 
ATOM   849 C "C3'"  . DC  D 1 7 ? 10.869  10.732  11.692  1.00 0.00 ? 7 DC  D "C3'"  1 
ATOM   850 O "O3'"  . DC  D 1 7 ? 11.287  10.372  13.013  1.00 0.00 ? 7 DC  D "O3'"  1 
ATOM   851 C "C2'"  . DC  D 1 7 ? 12.057  10.910  10.781  1.00 0.00 ? 7 DC  D "C2'"  1 
ATOM   852 C "C1'"  . DC  D 1 7 ? 11.862  9.967   9.605   1.00 0.00 ? 7 DC  D "C1'"  1 
ATOM   853 N N1     . DC  D 1 7 ? 11.845  10.713  8.325   1.00 0.00 ? 7 DC  D N1     1 
ATOM   854 C C2     . DC  D 1 7 ? 12.829  10.409  7.391   1.00 0.00 ? 7 DC  D C2     1 
ATOM   855 O O2     . DC  D 1 7 ? 13.666  9.541   7.631   1.00 0.00 ? 7 DC  D O2     1 
ATOM   856 N N3     . DC  D 1 7 ? 12.834  11.091  6.214   1.00 0.00 ? 7 DC  D N3     1 
ATOM   857 C C4     . DC  D 1 7 ? 11.917  12.031  5.957   1.00 0.00 ? 7 DC  D C4     1 
ATOM   858 N N4     . DC  D 1 7 ? 11.960  12.679  4.791   1.00 0.00 ? 7 DC  D N4     1 
ATOM   859 C C5     . DC  D 1 7 ? 10.901  12.349  6.911   1.00 0.00 ? 7 DC  D C5     1 
ATOM   860 C C6     . DC  D 1 7 ? 10.901  11.670  8.076   1.00 0.00 ? 7 DC  D C6     1 
ATOM   861 H "H5'"  . DC  D 1 7 ? 8.228   10.552  11.793  1.00 0.00 ? 7 DC  D "H5'"  1 
ATOM   862 H "H5''" . DC  D 1 7 ? 8.555   10.829  10.070  1.00 0.00 ? 7 DC  D "H5''" 1 
ATOM   863 H "H4'"  . DC  D 1 7 ? 10.031  8.761   11.730  1.00 0.00 ? 7 DC  D "H4'"  1 
ATOM   864 H "H3'"  . DC  D 1 7 ? 10.293  11.659  11.723  1.00 0.00 ? 7 DC  D "H3'"  1 
ATOM   865 H "HO3'" . DC  D 1 7 ? 11.153  11.140  13.573  1.00 0.00 ? 7 DC  D "HO3'" 1 
ATOM   866 H "H2'"  . DC  D 1 7 ? 12.106  11.941  10.430  1.00 0.00 ? 7 DC  D "H2'"  1 
ATOM   867 H "H2''" . DC  D 1 7 ? 12.974  10.655  11.314  1.00 0.00 ? 7 DC  D "H2''" 1 
ATOM   868 H "H1'"  . DC  D 1 7 ? 12.681  9.248   9.586   1.00 0.00 ? 7 DC  D "H1'"  1 
ATOM   869 H H41    . DC  D 1 7 ? 12.672  12.449  4.113   1.00 0.00 ? 7 DC  D H41    1 
ATOM   870 H H42    . DC  D 1 7 ? 11.275  13.393  4.584   1.00 0.00 ? 7 DC  D H42    1 
ATOM   871 H H5     . DC  D 1 7 ? 10.147  13.109  6.700   1.00 0.00 ? 7 DC  D H5     1 
ATOM   872 H H6     . DC  D 1 7 ? 10.141  11.887  8.827   1.00 0.00 ? 7 DC  D H6     1 
# 
